data_8X6X
#
_entry.id   8X6X
#
_cell.length_a   1.00
_cell.length_b   1.00
_cell.length_c   1.00
_cell.angle_alpha   90.00
_cell.angle_beta   90.00
_cell.angle_gamma   90.00
#
_symmetry.space_group_name_H-M   'P 1'
#
loop_
_entity.id
_entity.type
_entity.pdbx_description
1 polymer 'Uncharacterized MFS-type transporter EfpA'
2 non-polymer '[(2~{R})-1-[(9~{Z},12~{Z},15~{E})-octadeca-9,12,15-trienoyl]oxy-3-phosphonooxy-propan-2-yl] nonadecanoate'
3 non-polymer '[(2~{S})-1-dodecanoyloxy-3-phosphonooxy-propan-2-yl] tridecanoate'
#
_entity_poly.entity_id   1
_entity_poly.type   'polypeptide(L)'
_entity_poly.pdbx_seq_one_letter_code
;MTALNDTERAVRNWTAGRPHRPAPMRPPRSEETASERPSRYYPTWLPSRSFIAAVIAIGGMQLLATMDSTVAIVALPKIQ
NELSLSDAGRSWVITAYVLTFGGLMLLGGRLGDTIGRKRTFIVGVALFTISSVLCAVAWDEATLVIARLSQGVGSAIASP
TGLALVATTFPKGPARNAATAVFAAMTAIGSVMGLVVGGALTEVSWRWAFLVNVPIGLVMIYLARTALRETNKERMKLDA
TGAILATLACTAAVFAFSIGPEKGWMSGITIGSGLVALAAAVAFVIVERTAENPVVPFHLFRDRNRLVTFSAILLAGGVM
FSLTVCIGLYVQDILGYSALRAGVGFIPFVIAMGIGLGVSSQLVSRFSPRVLTIGGGYLLFGAMLYGSFFMHRGVPYFPN
LVMPIVVGGIGIGMAVVPLTLSAIAGVGFDQIGPVSAIALMLQSLGGPLVLAVIQAVITSRTLYLGGTTGPVKFMNDVQL
AALDHAYTYGLLWVAGAAIIVGGMALFIGYTPQQVAHAQEVKEAIDAGELAAAENLYFQGLWSHPQFEKGGGSGGGSGGS
AWSHPQFEK
;
_entity_poly.pdbx_strand_id   A,B
#
# COMPACT_ATOMS: atom_id res chain seq x y z
N SER A 48 5.36 38.29 -16.58
CA SER A 48 4.50 39.44 -16.38
C SER A 48 3.03 39.02 -16.39
N ARG A 49 2.14 39.99 -16.65
CA ARG A 49 0.72 39.68 -16.72
C ARG A 49 0.35 38.95 -18.01
N SER A 50 1.17 39.08 -19.07
CA SER A 50 0.88 38.39 -20.32
C SER A 50 0.89 36.88 -20.13
N PHE A 51 1.88 36.36 -19.40
CA PHE A 51 1.95 34.93 -19.14
C PHE A 51 0.72 34.44 -18.39
N ILE A 52 0.32 35.19 -17.35
CA ILE A 52 -0.83 34.79 -16.54
C ILE A 52 -2.10 34.79 -17.39
N ALA A 53 -2.28 35.85 -18.19
CA ALA A 53 -3.46 35.92 -19.05
C ALA A 53 -3.48 34.77 -20.05
N ALA A 54 -2.32 34.45 -20.63
CA ALA A 54 -2.26 33.37 -21.61
C ALA A 54 -2.63 32.03 -20.99
N VAL A 55 -2.05 31.72 -19.83
CA VAL A 55 -2.33 30.41 -19.22
C VAL A 55 -3.77 30.32 -18.77
N ILE A 56 -4.33 31.42 -18.25
CA ILE A 56 -5.74 31.41 -17.86
C ILE A 56 -6.64 31.21 -19.07
N ALA A 57 -6.33 31.90 -20.17
CA ALA A 57 -7.15 31.77 -21.38
C ALA A 57 -7.10 30.35 -21.92
N ILE A 58 -5.92 29.72 -21.84
CA ILE A 58 -5.81 28.35 -22.35
C ILE A 58 -6.58 27.37 -21.47
N GLY A 59 -6.50 27.53 -20.15
CA GLY A 59 -7.24 26.62 -19.27
C GLY A 59 -8.72 26.90 -19.14
N GLY A 60 -9.18 28.02 -19.71
CA GLY A 60 -10.58 28.38 -19.59
C GLY A 60 -11.52 27.33 -20.15
N MET A 61 -11.15 26.70 -21.27
CA MET A 61 -12.05 25.72 -21.88
C MET A 61 -12.23 24.50 -20.97
N GLN A 62 -11.13 24.03 -20.36
CA GLN A 62 -11.24 22.94 -19.41
C GLN A 62 -12.12 23.32 -18.23
N LEU A 63 -11.93 24.54 -17.71
CA LEU A 63 -12.75 24.99 -16.59
C LEU A 63 -14.23 24.98 -16.98
N LEU A 64 -14.56 25.54 -18.14
CA LEU A 64 -15.95 25.61 -18.58
C LEU A 64 -16.55 24.23 -18.75
N ALA A 65 -15.83 23.34 -19.43
CA ALA A 65 -16.37 22.01 -19.69
C ALA A 65 -16.65 21.27 -18.40
N THR A 66 -15.68 21.26 -17.47
CA THR A 66 -15.87 20.51 -16.24
C THR A 66 -16.97 21.12 -15.38
N MET A 67 -17.00 22.44 -15.27
CA MET A 67 -18.03 23.10 -14.46
C MET A 67 -19.42 22.84 -15.02
N ASP A 68 -19.58 22.93 -16.34
CA ASP A 68 -20.89 22.67 -16.94
C ASP A 68 -21.30 21.22 -16.75
N SER A 69 -20.36 20.28 -16.88
CA SER A 69 -20.71 18.88 -16.65
C SER A 69 -21.22 18.67 -15.23
N THR A 70 -20.50 19.21 -14.24
CA THR A 70 -20.93 19.04 -12.86
C THR A 70 -22.29 19.68 -12.61
N VAL A 71 -22.50 20.90 -13.11
CA VAL A 71 -23.76 21.60 -12.90
C VAL A 71 -24.92 20.83 -13.54
N ALA A 72 -24.70 20.32 -14.76
CA ALA A 72 -25.75 19.57 -15.44
C ALA A 72 -26.10 18.30 -14.67
N ILE A 73 -25.08 17.61 -14.13
CA ILE A 73 -25.36 16.40 -13.36
C ILE A 73 -26.15 16.73 -12.10
N VAL A 74 -25.83 17.85 -11.44
CA VAL A 74 -26.49 18.17 -10.17
C VAL A 74 -27.98 18.41 -10.36
N ALA A 75 -28.37 19.15 -11.40
CA ALA A 75 -29.72 19.69 -11.51
C ALA A 75 -30.64 18.86 -12.40
N LEU A 76 -30.43 17.54 -12.47
CA LEU A 76 -31.32 16.70 -13.27
C LEU A 76 -32.75 16.64 -12.75
N PRO A 77 -33.02 16.41 -11.46
CA PRO A 77 -34.42 16.26 -11.02
C PRO A 77 -35.28 17.49 -11.30
N LYS A 78 -34.73 18.69 -11.18
CA LYS A 78 -35.50 19.89 -11.48
C LYS A 78 -35.86 19.96 -12.95
N ILE A 79 -34.93 19.59 -13.83
CA ILE A 79 -35.22 19.56 -15.26
C ILE A 79 -36.32 18.55 -15.54
N GLN A 80 -36.24 17.38 -14.90
CA GLN A 80 -37.29 16.38 -15.08
C GLN A 80 -38.65 16.91 -14.64
N ASN A 81 -38.70 17.56 -13.48
CA ASN A 81 -39.96 18.05 -12.95
C ASN A 81 -40.56 19.14 -13.85
N GLU A 82 -39.74 20.10 -14.26
CA GLU A 82 -40.26 21.22 -15.03
C GLU A 82 -40.63 20.81 -16.45
N LEU A 83 -39.77 20.05 -17.12
CA LEU A 83 -40.02 19.70 -18.51
C LEU A 83 -40.89 18.45 -18.67
N SER A 84 -41.26 17.79 -17.57
CA SER A 84 -42.11 16.60 -17.60
C SER A 84 -41.48 15.51 -18.47
N LEU A 85 -40.31 15.06 -18.05
CA LEU A 85 -39.55 14.05 -18.77
C LEU A 85 -39.63 12.71 -18.06
N SER A 86 -39.44 11.65 -18.83
CA SER A 86 -39.36 10.29 -18.30
C SER A 86 -37.91 9.95 -18.00
N ASP A 87 -37.63 8.68 -17.71
CA ASP A 87 -36.26 8.26 -17.48
C ASP A 87 -35.42 8.37 -18.74
N ALA A 88 -36.03 8.08 -19.90
CA ALA A 88 -35.32 8.21 -21.17
C ALA A 88 -34.89 9.63 -21.42
N GLY A 89 -35.76 10.60 -21.11
CA GLY A 89 -35.38 12.00 -21.24
C GLY A 89 -34.24 12.38 -20.33
N ARG A 90 -34.27 11.90 -19.09
CA ARG A 90 -33.18 12.15 -18.17
C ARG A 90 -31.86 11.62 -18.72
N SER A 91 -31.87 10.38 -19.20
CA SER A 91 -30.65 9.81 -19.76
C SER A 91 -30.19 10.59 -20.99
N TRP A 92 -31.12 10.99 -21.85
CA TRP A 92 -30.74 11.63 -23.10
C TRP A 92 -30.23 13.05 -22.88
N VAL A 93 -30.66 13.72 -21.81
CA VAL A 93 -30.13 15.04 -21.51
C VAL A 93 -28.61 14.97 -21.32
N ILE A 94 -28.15 13.96 -20.58
CA ILE A 94 -26.72 13.76 -20.40
C ILE A 94 -26.07 13.20 -21.66
N THR A 95 -26.76 12.28 -22.35
CA THR A 95 -26.15 11.58 -23.48
C THR A 95 -25.94 12.50 -24.68
N ALA A 96 -26.78 13.52 -24.84
CA ALA A 96 -26.66 14.39 -26.01
C ALA A 96 -25.33 15.12 -26.04
N TYR A 97 -24.86 15.60 -24.89
CA TYR A 97 -23.57 16.27 -24.83
C TYR A 97 -22.44 15.29 -25.15
N VAL A 98 -22.46 14.11 -24.53
CA VAL A 98 -21.36 13.16 -24.67
C VAL A 98 -21.26 12.66 -26.10
N LEU A 99 -22.41 12.49 -26.77
CA LEU A 99 -22.40 11.96 -28.13
C LEU A 99 -21.56 12.81 -29.06
N THR A 100 -21.83 14.12 -29.11
CA THR A 100 -21.07 15.00 -29.97
C THR A 100 -19.74 15.42 -29.38
N PHE A 101 -19.54 15.25 -28.07
CA PHE A 101 -18.22 15.52 -27.50
C PHE A 101 -17.23 14.44 -27.89
N GLY A 102 -17.65 13.18 -27.84
CA GLY A 102 -16.78 12.09 -28.26
C GLY A 102 -16.77 11.84 -29.75
N GLY A 103 -17.81 12.25 -30.46
CA GLY A 103 -17.84 12.03 -31.90
C GLY A 103 -16.82 12.87 -32.66
N LEU A 104 -16.66 14.13 -32.27
CA LEU A 104 -15.90 15.09 -33.06
C LEU A 104 -14.59 15.51 -32.39
N MET A 105 -14.06 14.67 -31.50
CA MET A 105 -12.76 14.97 -30.90
C MET A 105 -11.64 14.86 -31.92
N LEU A 106 -11.61 13.76 -32.68
CA LEU A 106 -10.51 13.53 -33.62
C LEU A 106 -10.52 14.57 -34.74
N LEU A 107 -11.70 14.92 -35.25
CA LEU A 107 -11.79 15.97 -36.26
C LEU A 107 -11.35 17.31 -35.71
N GLY A 108 -11.71 17.62 -34.46
CA GLY A 108 -11.30 18.87 -33.86
C GLY A 108 -9.81 18.94 -33.60
N GLY A 109 -9.17 17.79 -33.42
CA GLY A 109 -7.72 17.78 -33.23
C GLY A 109 -6.95 18.16 -34.48
N ARG A 110 -7.51 17.94 -35.66
CA ARG A 110 -6.86 18.27 -36.91
C ARG A 110 -7.41 19.55 -37.55
N LEU A 111 -8.60 19.99 -37.14
CA LEU A 111 -9.19 21.20 -37.73
C LEU A 111 -8.34 22.44 -37.46
N GLY A 112 -7.57 22.45 -36.38
CA GLY A 112 -6.79 23.62 -36.04
C GLY A 112 -5.63 23.91 -36.98
N ASP A 113 -5.15 22.89 -37.70
CA ASP A 113 -4.05 23.10 -38.63
C ASP A 113 -4.49 23.82 -39.90
N THR A 114 -5.69 23.51 -40.40
CA THR A 114 -6.16 24.06 -41.66
C THR A 114 -6.88 25.39 -41.52
N ILE A 115 -7.16 25.84 -40.30
CA ILE A 115 -7.86 27.10 -40.05
C ILE A 115 -7.04 28.03 -39.17
N GLY A 116 -6.52 27.52 -38.06
CA GLY A 116 -5.78 28.33 -37.11
C GLY A 116 -6.14 27.97 -35.68
N ARG A 117 -5.13 27.78 -34.83
CA ARG A 117 -5.39 27.34 -33.47
C ARG A 117 -6.14 28.40 -32.67
N LYS A 118 -5.72 29.66 -32.77
CA LYS A 118 -6.41 30.73 -32.06
C LYS A 118 -7.85 30.89 -32.55
N ARG A 119 -8.04 30.86 -33.87
CA ARG A 119 -9.38 31.00 -34.43
C ARG A 119 -10.26 29.83 -34.04
N THR A 120 -9.72 28.60 -34.10
CA THR A 120 -10.51 27.44 -33.70
C THR A 120 -10.88 27.51 -32.22
N PHE A 121 -9.94 27.90 -31.37
CA PHE A 121 -10.21 28.02 -29.94
C PHE A 121 -11.33 29.03 -29.69
N ILE A 122 -11.23 30.20 -30.32
CA ILE A 122 -12.24 31.24 -30.11
C ILE A 122 -13.60 30.79 -30.63
N VAL A 123 -13.63 30.16 -31.80
CA VAL A 123 -14.91 29.71 -32.36
C VAL A 123 -15.55 28.66 -31.47
N GLY A 124 -14.75 27.71 -30.96
CA GLY A 124 -15.29 26.70 -30.07
C GLY A 124 -15.85 27.29 -28.80
N VAL A 125 -15.11 28.21 -28.17
CA VAL A 125 -15.60 28.83 -26.93
C VAL A 125 -16.86 29.64 -27.19
N ALA A 126 -16.90 30.35 -28.32
CA ALA A 126 -18.09 31.14 -28.65
C ALA A 126 -19.31 30.26 -28.88
N LEU A 127 -19.13 29.15 -29.58
CA LEU A 127 -20.25 28.22 -29.79
C LEU A 127 -20.71 27.62 -28.47
N PHE A 128 -19.77 27.29 -27.58
CA PHE A 128 -20.14 26.77 -26.27
C PHE A 128 -20.96 27.79 -25.50
N THR A 129 -20.53 29.06 -25.51
CA THR A 129 -21.25 30.10 -24.78
C THR A 129 -22.65 30.33 -25.36
N ILE A 130 -22.77 30.34 -26.69
CA ILE A 130 -24.07 30.55 -27.32
C ILE A 130 -25.01 29.40 -26.98
N SER A 131 -24.53 28.17 -27.05
CA SER A 131 -25.36 27.03 -26.70
C SER A 131 -25.74 27.04 -25.23
N SER A 132 -24.83 27.50 -24.35
CA SER A 132 -25.19 27.63 -22.94
C SER A 132 -26.30 28.67 -22.76
N VAL A 133 -26.25 29.77 -23.51
CA VAL A 133 -27.33 30.74 -23.47
C VAL A 133 -28.65 30.11 -23.90
N LEU A 134 -28.62 29.34 -25.00
CA LEU A 134 -29.85 28.79 -25.54
C LEU A 134 -30.39 27.66 -24.68
N CYS A 135 -29.53 27.02 -23.88
CA CYS A 135 -30.01 25.97 -22.97
C CYS A 135 -31.00 26.53 -21.95
N ALA A 136 -30.72 27.70 -21.39
CA ALA A 136 -31.59 28.27 -20.37
C ALA A 136 -32.99 28.57 -20.91
N VAL A 137 -33.06 29.16 -22.10
CA VAL A 137 -34.35 29.49 -22.71
C VAL A 137 -34.75 28.28 -23.57
N ALA A 138 -35.34 27.29 -22.91
CA ALA A 138 -35.81 26.09 -23.57
C ALA A 138 -37.19 25.74 -23.03
N TRP A 139 -38.11 25.40 -23.93
CA TRP A 139 -39.49 25.14 -23.54
C TRP A 139 -39.83 23.66 -23.50
N ASP A 140 -39.29 22.85 -24.42
CA ASP A 140 -39.59 21.43 -24.43
C ASP A 140 -38.32 20.60 -24.52
N GLU A 141 -38.47 19.29 -24.72
CA GLU A 141 -37.32 18.39 -24.71
C GLU A 141 -36.43 18.60 -25.93
N ALA A 142 -37.04 18.85 -27.10
CA ALA A 142 -36.26 18.93 -28.33
C ALA A 142 -35.27 20.08 -28.31
N THR A 143 -35.72 21.25 -27.83
CA THR A 143 -34.81 22.40 -27.77
C THR A 143 -33.65 22.14 -26.83
N LEU A 144 -33.91 21.54 -25.67
CA LEU A 144 -32.83 21.22 -24.74
C LEU A 144 -31.87 20.22 -25.35
N VAL A 145 -32.39 19.22 -26.07
CA VAL A 145 -31.52 18.20 -26.66
C VAL A 145 -30.62 18.81 -27.73
N ILE A 146 -31.19 19.64 -28.61
CA ILE A 146 -30.36 20.24 -29.65
C ILE A 146 -29.37 21.23 -29.05
N ALA A 147 -29.76 21.93 -27.98
CA ALA A 147 -28.81 22.81 -27.30
C ALA A 147 -27.65 22.04 -26.71
N ARG A 148 -27.93 20.90 -26.09
CA ARG A 148 -26.86 20.06 -25.56
C ARG A 148 -25.96 19.55 -26.67
N LEU A 149 -26.55 19.16 -27.81
CA LEU A 149 -25.74 18.71 -28.94
C LEU A 149 -24.81 19.81 -29.44
N SER A 150 -25.34 21.04 -29.60
CA SER A 150 -24.51 22.14 -30.06
C SER A 150 -23.41 22.47 -29.05
N GLN A 151 -23.74 22.43 -27.77
CA GLN A 151 -22.76 22.69 -26.72
C GLN A 151 -21.65 21.65 -26.75
N GLY A 152 -22.01 20.38 -26.95
CA GLY A 152 -21.00 19.35 -27.08
C GLY A 152 -20.14 19.52 -28.32
N VAL A 153 -20.73 19.98 -29.42
CA VAL A 153 -19.95 20.24 -30.63
C VAL A 153 -18.92 21.33 -30.37
N GLY A 154 -19.34 22.41 -29.72
CA GLY A 154 -18.40 23.47 -29.38
C GLY A 154 -17.30 23.00 -28.45
N SER A 155 -17.66 22.19 -27.45
CA SER A 155 -16.66 21.65 -26.54
C SER A 155 -15.68 20.75 -27.27
N ALA A 156 -16.16 19.93 -28.20
CA ALA A 156 -15.27 19.06 -28.96
C ALA A 156 -14.35 19.85 -29.88
N ILE A 157 -14.83 20.97 -30.41
CA ILE A 157 -13.97 21.81 -31.23
C ILE A 157 -12.88 22.47 -30.38
N ALA A 158 -13.25 22.94 -29.19
CA ALA A 158 -12.32 23.80 -28.44
C ALA A 158 -11.39 23.03 -27.50
N SER A 159 -11.81 21.89 -26.93
CA SER A 159 -11.01 21.24 -25.89
C SER A 159 -9.67 20.73 -26.38
N PRO A 160 -9.57 19.95 -27.47
CA PRO A 160 -8.24 19.44 -27.86
C PRO A 160 -7.27 20.52 -28.29
N THR A 161 -7.76 21.71 -28.65
CA THR A 161 -6.88 22.80 -29.06
C THR A 161 -6.17 23.43 -27.88
N GLY A 162 -6.71 23.32 -26.67
CA GLY A 162 -6.04 23.89 -25.51
C GLY A 162 -4.71 23.25 -25.21
N LEU A 163 -4.65 21.92 -25.25
CA LEU A 163 -3.38 21.22 -25.03
C LEU A 163 -2.38 21.53 -26.13
N ALA A 164 -2.84 21.62 -27.37
CA ALA A 164 -1.96 21.98 -28.49
C ALA A 164 -1.42 23.39 -28.30
N LEU A 165 -2.25 24.31 -27.81
CA LEU A 165 -1.78 25.67 -27.54
C LEU A 165 -0.79 25.69 -26.40
N VAL A 166 -0.98 24.85 -25.39
CA VAL A 166 0.02 24.72 -24.33
C VAL A 166 1.35 24.26 -24.91
N ALA A 167 1.31 23.27 -25.79
CA ALA A 167 2.56 22.74 -26.35
C ALA A 167 3.23 23.74 -27.29
N THR A 168 2.46 24.47 -28.09
CA THR A 168 3.00 25.30 -29.15
C THR A 168 3.07 26.78 -28.81
N THR A 169 2.71 27.17 -27.59
CA THR A 169 2.80 28.57 -27.18
C THR A 169 4.03 28.85 -26.32
N PHE A 170 4.30 27.99 -25.34
CA PHE A 170 5.45 28.14 -24.46
C PHE A 170 6.52 27.14 -24.84
N PRO A 171 7.76 27.57 -25.07
CA PRO A 171 8.82 26.62 -25.40
C PRO A 171 9.11 25.69 -24.24
N LYS A 172 9.69 24.54 -24.56
CA LYS A 172 10.02 23.55 -23.55
C LYS A 172 10.95 24.14 -22.50
N GLY A 173 10.63 23.90 -21.24
CA GLY A 173 11.38 24.47 -20.14
C GLY A 173 10.49 24.83 -18.98
N PRO A 174 10.91 25.79 -18.15
CA PRO A 174 10.07 26.19 -17.00
C PRO A 174 8.72 26.76 -17.40
N ALA A 175 8.65 27.47 -18.53
CA ALA A 175 7.39 28.08 -18.94
C ALA A 175 6.34 27.01 -19.23
N ARG A 176 6.72 25.95 -19.95
CA ARG A 176 5.77 24.89 -20.24
C ARG A 176 5.38 24.14 -18.96
N ASN A 177 6.30 24.01 -18.01
CA ASN A 177 5.96 23.37 -16.73
C ASN A 177 4.89 24.18 -15.99
N ALA A 178 5.06 25.50 -15.93
CA ALA A 178 4.08 26.34 -15.27
C ALA A 178 2.73 26.29 -16.00
N ALA A 179 2.77 26.34 -17.34
CA ALA A 179 1.54 26.27 -18.12
C ALA A 179 0.82 24.96 -17.90
N THR A 180 1.57 23.85 -17.85
CA THR A 180 0.97 22.54 -17.58
C THR A 180 0.34 22.49 -16.19
N ALA A 181 1.02 23.06 -15.19
CA ALA A 181 0.46 23.08 -13.85
C ALA A 181 -0.85 23.86 -13.81
N VAL A 182 -0.90 25.01 -14.46
CA VAL A 182 -2.13 25.79 -14.49
C VAL A 182 -3.24 25.05 -15.23
N PHE A 183 -2.88 24.41 -16.34
CA PHE A 183 -3.85 23.66 -17.14
C PHE A 183 -4.47 22.53 -16.32
N ALA A 184 -3.65 21.83 -15.52
CA ALA A 184 -4.18 20.75 -14.69
C ALA A 184 -4.95 21.27 -13.48
N ALA A 185 -4.58 22.45 -12.95
CA ALA A 185 -5.27 22.98 -11.79
C ALA A 185 -6.67 23.48 -12.15
N MET A 186 -6.81 24.09 -13.33
CA MET A 186 -8.08 24.72 -13.66
C MET A 186 -9.20 23.69 -13.82
N THR A 187 -8.87 22.45 -14.18
CA THR A 187 -9.89 21.41 -14.27
C THR A 187 -10.55 21.15 -12.91
N ALA A 188 -9.73 20.90 -11.89
CA ALA A 188 -10.27 20.66 -10.56
C ALA A 188 -10.96 21.90 -10.01
N ILE A 189 -10.39 23.09 -10.27
CA ILE A 189 -11.03 24.31 -9.81
C ILE A 189 -12.42 24.45 -10.39
N GLY A 190 -12.55 24.20 -11.69
CA GLY A 190 -13.85 24.28 -12.34
C GLY A 190 -14.83 23.25 -11.81
N SER A 191 -14.35 22.02 -11.59
CA SER A 191 -15.24 20.99 -11.05
C SER A 191 -15.80 21.38 -9.69
N VAL A 192 -14.93 21.81 -8.78
CA VAL A 192 -15.39 22.14 -7.43
C VAL A 192 -16.29 23.36 -7.44
N MET A 193 -15.95 24.39 -8.23
CA MET A 193 -16.82 25.56 -8.25
C MET A 193 -18.15 25.26 -8.93
N GLY A 194 -18.18 24.34 -9.89
CA GLY A 194 -19.44 23.93 -10.48
C GLY A 194 -20.31 23.20 -9.49
N LEU A 195 -19.71 22.34 -8.67
CA LEU A 195 -20.47 21.69 -7.60
C LEU A 195 -21.03 22.71 -6.62
N VAL A 196 -20.21 23.70 -6.22
CA VAL A 196 -20.66 24.72 -5.28
C VAL A 196 -21.81 25.54 -5.87
N VAL A 197 -21.65 25.97 -7.13
CA VAL A 197 -22.66 26.80 -7.76
C VAL A 197 -23.96 26.04 -7.97
N GLY A 198 -23.88 24.79 -8.41
CA GLY A 198 -25.07 23.98 -8.56
C GLY A 198 -25.77 23.75 -7.23
N GLY A 199 -25.01 23.54 -6.16
CA GLY A 199 -25.61 23.36 -4.86
C GLY A 199 -26.30 24.60 -4.34
N ALA A 200 -25.66 25.76 -4.51
CA ALA A 200 -26.17 26.99 -3.93
C ALA A 200 -27.13 27.75 -4.84
N LEU A 201 -27.34 27.28 -6.07
CA LEU A 201 -28.16 28.01 -7.03
C LEU A 201 -29.41 27.25 -7.46
N THR A 202 -29.42 25.93 -7.36
CA THR A 202 -30.55 25.14 -7.85
C THR A 202 -31.71 25.08 -6.87
N GLU A 203 -31.79 26.02 -5.92
CA GLU A 203 -32.92 26.09 -5.01
C GLU A 203 -33.93 27.15 -5.45
N VAL A 204 -33.72 27.78 -6.60
CA VAL A 204 -34.66 28.75 -7.16
C VAL A 204 -35.12 28.35 -8.56
N SER A 205 -34.17 28.02 -9.43
CA SER A 205 -34.48 27.65 -10.81
C SER A 205 -33.26 27.00 -11.44
N TRP A 206 -33.49 25.98 -12.26
CA TRP A 206 -32.39 25.32 -12.96
C TRP A 206 -31.92 26.09 -14.17
N ARG A 207 -32.68 27.10 -14.63
CA ARG A 207 -32.24 27.88 -15.78
C ARG A 207 -31.13 28.86 -15.41
N TRP A 208 -31.11 29.33 -14.16
CA TRP A 208 -30.04 30.23 -13.73
C TRP A 208 -28.70 29.50 -13.62
N ALA A 209 -28.72 28.17 -13.48
CA ALA A 209 -27.48 27.42 -13.39
C ALA A 209 -26.74 27.40 -14.72
N PHE A 210 -27.46 27.38 -15.83
CA PHE A 210 -26.84 27.36 -17.15
C PHE A 210 -26.38 28.73 -17.63
N LEU A 211 -26.77 29.80 -16.94
CA LEU A 211 -26.42 31.15 -17.36
C LEU A 211 -25.12 31.67 -16.73
N VAL A 212 -24.56 30.94 -15.76
CA VAL A 212 -23.30 31.38 -15.17
C VAL A 212 -22.13 31.10 -16.11
N ASN A 213 -22.34 30.24 -17.11
CA ASN A 213 -21.29 29.97 -18.08
C ASN A 213 -20.96 31.17 -18.95
N VAL A 214 -21.94 32.05 -19.17
CA VAL A 214 -21.82 33.13 -20.15
C VAL A 214 -20.75 34.16 -19.76
N PRO A 215 -20.75 34.72 -18.54
CA PRO A 215 -19.71 35.70 -18.21
C PRO A 215 -18.30 35.11 -18.26
N ILE A 216 -18.15 33.86 -17.82
CA ILE A 216 -16.82 33.24 -17.83
C ILE A 216 -16.38 32.98 -19.26
N GLY A 217 -17.30 32.51 -20.11
CA GLY A 217 -16.95 32.35 -21.51
C GLY A 217 -16.55 33.65 -22.17
N LEU A 218 -17.27 34.73 -21.86
CA LEU A 218 -16.93 36.03 -22.44
C LEU A 218 -15.56 36.51 -21.98
N VAL A 219 -15.27 36.37 -20.68
CA VAL A 219 -13.98 36.85 -20.18
C VAL A 219 -12.83 36.02 -20.76
N MET A 220 -13.05 34.71 -20.92
CA MET A 220 -12.00 33.89 -21.52
C MET A 220 -11.83 34.19 -23.01
N ILE A 221 -12.91 34.50 -23.71
CA ILE A 221 -12.79 34.92 -25.10
C ILE A 221 -11.97 36.20 -25.20
N TYR A 222 -12.25 37.16 -24.32
CA TYR A 222 -11.48 38.41 -24.32
C TYR A 222 -10.01 38.15 -24.03
N LEU A 223 -9.72 37.32 -23.02
CA LEU A 223 -8.32 37.04 -22.66
C LEU A 223 -7.60 36.32 -23.80
N ALA A 224 -8.27 35.37 -24.45
CA ALA A 224 -7.65 34.66 -25.56
C ALA A 224 -7.39 35.59 -26.73
N ARG A 225 -8.32 36.51 -27.01
CA ARG A 225 -8.11 37.45 -28.11
C ARG A 225 -6.96 38.41 -27.81
N THR A 226 -6.88 38.92 -26.58
CA THR A 226 -5.88 39.94 -26.27
C THR A 226 -4.54 39.38 -25.83
N ALA A 227 -4.44 38.08 -25.57
CA ALA A 227 -3.20 37.49 -25.07
C ALA A 227 -2.51 36.59 -26.07
N LEU A 228 -3.23 35.64 -26.66
CA LEU A 228 -2.62 34.75 -27.64
C LEU A 228 -2.34 35.51 -28.94
N ARG A 229 -1.41 34.98 -29.72
CA ARG A 229 -0.97 35.61 -30.96
C ARG A 229 -1.04 34.62 -32.11
N GLU A 230 -1.11 35.17 -33.32
CA GLU A 230 -1.21 34.34 -34.51
C GLU A 230 0.10 33.59 -34.76
N THR A 231 -0.01 32.49 -35.49
CA THR A 231 1.14 31.65 -35.82
C THR A 231 1.74 31.96 -37.19
N ASN A 232 0.90 32.36 -38.15
CA ASN A 232 1.31 32.63 -39.52
C ASN A 232 1.89 31.40 -40.22
N LYS A 233 1.56 30.21 -39.72
CA LYS A 233 2.04 28.98 -40.34
C LYS A 233 1.27 28.70 -41.63
N GLU A 234 1.90 27.96 -42.53
CA GLU A 234 1.25 27.59 -43.78
C GLU A 234 0.06 26.67 -43.51
N ARG A 235 -1.04 26.93 -44.21
CA ARG A 235 -2.23 26.13 -44.03
C ARG A 235 -2.05 24.73 -44.62
N MET A 236 -2.69 23.75 -44.01
CA MET A 236 -2.62 22.37 -44.48
C MET A 236 -3.90 21.99 -45.20
N LYS A 237 -3.98 20.74 -45.62
CA LYS A 237 -5.15 20.19 -46.29
C LYS A 237 -5.85 19.19 -45.36
N LEU A 238 -7.16 19.29 -45.26
CA LEU A 238 -7.93 18.42 -44.37
C LEU A 238 -8.23 17.10 -45.06
N ASP A 239 -8.02 16.00 -44.31
CA ASP A 239 -8.32 14.65 -44.79
C ASP A 239 -9.80 14.38 -44.54
N ALA A 240 -10.62 14.67 -45.56
CA ALA A 240 -12.06 14.59 -45.38
C ALA A 240 -12.53 13.15 -45.16
N THR A 241 -11.99 12.20 -45.92
CA THR A 241 -12.45 10.81 -45.82
C THR A 241 -12.16 10.23 -44.44
N GLY A 242 -10.92 10.39 -43.97
CA GLY A 242 -10.58 9.89 -42.65
C GLY A 242 -11.36 10.57 -41.55
N ALA A 243 -11.56 11.88 -41.67
CA ALA A 243 -12.33 12.62 -40.67
C ALA A 243 -13.77 12.11 -40.60
N ILE A 244 -14.39 11.91 -41.76
CA ILE A 244 -15.78 11.42 -41.78
C ILE A 244 -15.85 10.02 -41.18
N LEU A 245 -14.92 9.14 -41.56
CA LEU A 245 -14.95 7.78 -41.05
C LEU A 245 -14.74 7.75 -39.54
N ALA A 246 -13.80 8.54 -39.03
CA ALA A 246 -13.56 8.59 -37.60
C ALA A 246 -14.76 9.15 -36.85
N THR A 247 -15.39 10.19 -37.39
CA THR A 247 -16.58 10.75 -36.75
C THR A 247 -17.69 9.72 -36.67
N LEU A 248 -17.94 9.02 -37.78
CA LEU A 248 -18.99 8.01 -37.79
C LEU A 248 -18.69 6.88 -36.80
N ALA A 249 -17.45 6.40 -36.79
CA ALA A 249 -17.09 5.30 -35.89
C ALA A 249 -17.25 5.71 -34.43
N CYS A 250 -16.72 6.88 -34.07
CA CYS A 250 -16.81 7.32 -32.67
C CYS A 250 -18.25 7.56 -32.26
N THR A 251 -19.05 8.21 -33.12
CA THR A 251 -20.44 8.46 -32.77
C THR A 251 -21.22 7.16 -32.60
N ALA A 252 -21.01 6.20 -33.51
CA ALA A 252 -21.71 4.92 -33.38
C ALA A 252 -21.29 4.18 -32.12
N ALA A 253 -19.99 4.20 -31.80
CA ALA A 253 -19.53 3.53 -30.59
C ALA A 253 -20.14 4.16 -29.34
N VAL A 254 -20.16 5.49 -29.27
CA VAL A 254 -20.73 6.17 -28.11
C VAL A 254 -22.22 5.87 -27.99
N PHE A 255 -22.94 5.92 -29.11
CA PHE A 255 -24.37 5.65 -29.09
C PHE A 255 -24.65 4.22 -28.63
N ALA A 256 -23.90 3.25 -29.15
CA ALA A 256 -24.10 1.87 -28.75
C ALA A 256 -23.80 1.67 -27.27
N PHE A 257 -22.71 2.24 -26.78
CA PHE A 257 -22.37 2.10 -25.37
C PHE A 257 -23.41 2.76 -24.47
N SER A 258 -24.03 3.84 -24.93
CA SER A 258 -25.05 4.51 -24.14
C SER A 258 -26.38 3.75 -24.15
N ILE A 259 -26.76 3.18 -25.29
CA ILE A 259 -28.05 2.52 -25.40
C ILE A 259 -28.04 1.08 -24.89
N GLY A 260 -26.86 0.44 -24.83
CA GLY A 260 -26.76 -0.93 -24.39
C GLY A 260 -27.49 -1.25 -23.10
N PRO A 261 -27.05 -0.66 -21.98
CA PRO A 261 -27.68 -1.00 -20.69
C PRO A 261 -29.17 -0.76 -20.64
N GLU A 262 -29.66 0.31 -21.28
CA GLU A 262 -31.09 0.62 -21.22
C GLU A 262 -31.93 -0.41 -21.95
N LYS A 263 -31.55 -0.74 -23.19
CA LYS A 263 -32.32 -1.71 -23.98
C LYS A 263 -31.89 -3.14 -23.67
N GLY A 264 -30.62 -3.44 -23.87
CA GLY A 264 -30.10 -4.76 -23.61
C GLY A 264 -28.91 -5.05 -24.50
N TRP A 265 -28.25 -6.17 -24.21
CA TRP A 265 -27.09 -6.61 -24.98
C TRP A 265 -27.48 -7.47 -26.17
N MET A 266 -28.76 -7.79 -26.33
CA MET A 266 -29.24 -8.59 -27.44
C MET A 266 -30.16 -7.80 -28.38
N SER A 267 -30.32 -6.50 -28.14
CA SER A 267 -31.17 -5.69 -29.01
C SER A 267 -30.55 -5.57 -30.40
N GLY A 268 -31.40 -5.53 -31.42
CA GLY A 268 -30.90 -5.38 -32.78
C GLY A 268 -30.25 -4.05 -33.03
N ILE A 269 -30.77 -2.99 -32.39
CA ILE A 269 -30.21 -1.65 -32.59
C ILE A 269 -28.77 -1.58 -32.08
N THR A 270 -28.53 -2.14 -30.89
CA THR A 270 -27.18 -2.10 -30.33
C THR A 270 -26.19 -2.89 -31.17
N ILE A 271 -26.60 -4.08 -31.63
CA ILE A 271 -25.72 -4.90 -32.47
C ILE A 271 -25.43 -4.18 -33.78
N GLY A 272 -26.45 -3.58 -34.39
CA GLY A 272 -26.24 -2.84 -35.62
C GLY A 272 -25.31 -1.66 -35.44
N SER A 273 -25.49 -0.93 -34.34
CA SER A 273 -24.61 0.22 -34.06
C SER A 273 -23.17 -0.23 -33.85
N GLY A 274 -22.97 -1.32 -33.11
CA GLY A 274 -21.62 -1.84 -32.93
C GLY A 274 -20.99 -2.31 -34.23
N LEU A 275 -21.79 -2.94 -35.09
CA LEU A 275 -21.29 -3.38 -36.38
C LEU A 275 -20.89 -2.20 -37.25
N VAL A 276 -21.71 -1.14 -37.27
CA VAL A 276 -21.36 0.05 -38.03
C VAL A 276 -20.09 0.69 -37.47
N ALA A 277 -19.96 0.73 -36.14
CA ALA A 277 -18.75 1.30 -35.55
C ALA A 277 -17.51 0.50 -35.96
N LEU A 278 -17.59 -0.83 -35.89
CA LEU A 278 -16.44 -1.64 -36.27
C LEU A 278 -16.09 -1.49 -37.75
N ALA A 279 -17.10 -1.48 -38.61
CA ALA A 279 -16.86 -1.31 -40.04
C ALA A 279 -16.23 0.04 -40.34
N ALA A 280 -16.73 1.10 -39.71
CA ALA A 280 -16.17 2.43 -39.93
C ALA A 280 -14.74 2.51 -39.41
N ALA A 281 -14.46 1.90 -38.27
CA ALA A 281 -13.10 1.89 -37.75
C ALA A 281 -12.15 1.17 -38.70
N VAL A 282 -12.58 0.03 -39.24
CA VAL A 282 -11.75 -0.73 -40.17
C VAL A 282 -11.49 0.09 -41.42
N ALA A 283 -12.52 0.72 -41.97
CA ALA A 283 -12.36 1.54 -43.16
C ALA A 283 -11.44 2.72 -42.89
N PHE A 284 -11.56 3.33 -41.71
CA PHE A 284 -10.68 4.45 -41.35
C PHE A 284 -9.23 4.00 -41.29
N VAL A 285 -8.96 2.85 -40.67
CA VAL A 285 -7.60 2.35 -40.58
C VAL A 285 -7.05 2.06 -41.97
N ILE A 286 -7.89 1.49 -42.85
CA ILE A 286 -7.44 1.21 -44.22
C ILE A 286 -7.12 2.51 -44.96
N VAL A 287 -7.97 3.53 -44.80
CA VAL A 287 -7.77 4.77 -45.52
C VAL A 287 -6.52 5.51 -45.03
N GLU A 288 -6.24 5.44 -43.72
CA GLU A 288 -5.14 6.20 -43.15
C GLU A 288 -3.77 5.73 -43.63
N ARG A 289 -3.68 4.59 -44.31
CA ARG A 289 -2.39 4.09 -44.74
C ARG A 289 -1.70 5.04 -45.71
N THR A 290 -2.46 5.64 -46.63
CA THR A 290 -1.90 6.51 -47.65
C THR A 290 -2.61 7.86 -47.68
N ALA A 291 -2.78 8.46 -46.50
CA ALA A 291 -3.37 9.79 -46.40
C ALA A 291 -2.28 10.85 -46.43
N GLU A 292 -2.59 12.00 -47.04
CA GLU A 292 -1.62 13.08 -47.12
C GLU A 292 -1.30 13.67 -45.75
N ASN A 293 -2.34 14.02 -44.99
CA ASN A 293 -2.20 14.50 -43.62
C ASN A 293 -3.14 13.67 -42.75
N PRO A 294 -2.67 12.57 -42.19
CA PRO A 294 -3.57 11.65 -41.48
C PRO A 294 -4.22 12.31 -40.27
N VAL A 295 -5.47 11.94 -40.02
CA VAL A 295 -6.14 12.38 -38.81
C VAL A 295 -5.51 11.71 -37.58
N VAL A 296 -5.13 10.45 -37.72
CA VAL A 296 -4.45 9.71 -36.65
C VAL A 296 -3.14 9.14 -37.20
N PRO A 297 -1.98 9.70 -36.82
CA PRO A 297 -0.70 9.15 -37.28
C PRO A 297 -0.34 7.89 -36.51
N PHE A 298 -0.44 6.75 -37.19
CA PHE A 298 -0.17 5.46 -36.54
C PHE A 298 1.31 5.18 -36.37
N HIS A 299 2.18 5.87 -37.12
CA HIS A 299 3.61 5.58 -37.05
C HIS A 299 4.23 6.15 -35.78
N LEU A 300 3.65 7.20 -35.21
CA LEU A 300 4.23 7.82 -34.02
C LEU A 300 4.20 6.90 -32.81
N PHE A 301 3.34 5.89 -32.81
CA PHE A 301 3.19 4.99 -31.67
C PHE A 301 4.04 3.74 -31.79
N ARG A 302 5.06 3.76 -32.65
CA ARG A 302 6.03 2.67 -32.74
C ARG A 302 7.12 2.77 -31.69
N ASP A 303 6.93 3.60 -30.67
CA ASP A 303 7.89 3.76 -29.58
C ASP A 303 7.30 3.20 -28.30
N ARG A 304 8.15 2.51 -27.52
CA ARG A 304 7.69 1.95 -26.26
C ARG A 304 7.24 3.05 -25.29
N ASN A 305 8.00 4.15 -25.24
CA ASN A 305 7.69 5.22 -24.30
C ASN A 305 6.30 5.79 -24.53
N ARG A 306 5.97 6.14 -25.78
CA ARG A 306 4.68 6.75 -26.07
C ARG A 306 3.53 5.77 -25.80
N LEU A 307 3.70 4.51 -26.21
CA LEU A 307 2.64 3.54 -26.01
C LEU A 307 2.36 3.29 -24.53
N VAL A 308 3.42 3.11 -23.74
CA VAL A 308 3.24 2.92 -22.31
C VAL A 308 2.64 4.16 -21.67
N THR A 309 3.07 5.35 -22.10
CA THR A 309 2.54 6.57 -21.54
C THR A 309 1.04 6.70 -21.83
N PHE A 310 0.62 6.34 -23.04
CA PHE A 310 -0.79 6.48 -23.38
C PHE A 310 -1.64 5.44 -22.66
N SER A 311 -1.13 4.22 -22.49
CA SER A 311 -1.85 3.25 -21.67
C SER A 311 -2.00 3.73 -20.23
N ALA A 312 -0.93 4.30 -19.67
CA ALA A 312 -0.99 4.83 -18.32
C ALA A 312 -1.97 5.98 -18.23
N ILE A 313 -2.02 6.83 -19.26
CA ILE A 313 -2.97 7.94 -19.28
C ILE A 313 -4.40 7.41 -19.25
N LEU A 314 -4.68 6.40 -20.06
CA LEU A 314 -6.02 5.82 -20.09
C LEU A 314 -6.43 5.29 -18.72
N LEU A 315 -5.58 4.45 -18.12
CA LEU A 315 -5.97 3.86 -16.85
C LEU A 315 -5.99 4.88 -15.71
N ALA A 316 -5.10 5.88 -15.74
CA ALA A 316 -5.11 6.91 -14.71
C ALA A 316 -6.38 7.76 -14.80
N GLY A 317 -6.80 8.11 -16.02
CA GLY A 317 -8.06 8.81 -16.16
C GLY A 317 -9.23 8.00 -15.66
N GLY A 318 -9.23 6.70 -15.94
CA GLY A 318 -10.27 5.84 -15.40
C GLY A 318 -10.30 5.82 -13.88
N VAL A 319 -9.12 5.70 -13.26
CA VAL A 319 -9.03 5.67 -11.81
C VAL A 319 -9.54 6.97 -11.21
N MET A 320 -9.13 8.10 -11.81
CA MET A 320 -9.54 9.40 -11.26
C MET A 320 -11.04 9.61 -11.39
N PHE A 321 -11.62 9.25 -12.54
CA PHE A 321 -13.06 9.38 -12.71
C PHE A 321 -13.83 8.50 -11.73
N SER A 322 -13.39 7.26 -11.54
CA SER A 322 -14.04 6.38 -10.58
C SER A 322 -13.97 6.96 -9.18
N LEU A 323 -12.79 7.46 -8.78
CA LEU A 323 -12.67 8.09 -7.47
C LEU A 323 -13.65 9.25 -7.32
N THR A 324 -13.70 10.14 -8.31
CA THR A 324 -14.58 11.30 -8.21
C THR A 324 -16.03 10.90 -8.04
N VAL A 325 -16.51 10.00 -8.91
CA VAL A 325 -17.93 9.64 -8.87
C VAL A 325 -18.26 8.89 -7.57
N CYS A 326 -17.41 7.95 -7.17
CA CYS A 326 -17.69 7.18 -5.96
C CYS A 326 -17.65 8.06 -4.71
N ILE A 327 -16.68 8.96 -4.61
CA ILE A 327 -16.59 9.85 -3.46
C ILE A 327 -17.81 10.74 -3.39
N GLY A 328 -18.23 11.32 -4.52
CA GLY A 328 -19.42 12.14 -4.52
C GLY A 328 -20.66 11.36 -4.09
N LEU A 329 -20.86 10.18 -4.67
CA LEU A 329 -22.04 9.41 -4.32
C LEU A 329 -22.05 9.02 -2.86
N TYR A 330 -20.88 8.67 -2.31
CA TYR A 330 -20.79 8.35 -0.90
C TYR A 330 -21.13 9.57 -0.04
N VAL A 331 -20.65 10.75 -0.43
CA VAL A 331 -20.88 11.92 0.40
C VAL A 331 -22.36 12.32 0.42
N GLN A 332 -23.00 12.43 -0.75
CA GLN A 332 -24.41 12.82 -0.70
C GLN A 332 -25.34 11.67 -0.32
N ASP A 333 -24.89 10.43 -0.41
CA ASP A 333 -25.79 9.31 -0.13
C ASP A 333 -25.69 8.84 1.32
N ILE A 334 -24.49 8.49 1.78
CA ILE A 334 -24.31 7.90 3.09
C ILE A 334 -24.15 8.99 4.15
N LEU A 335 -23.19 9.89 3.95
CA LEU A 335 -22.91 10.91 4.95
C LEU A 335 -24.03 11.94 5.06
N GLY A 336 -24.85 12.09 4.02
CA GLY A 336 -25.99 12.98 4.09
C GLY A 336 -25.70 14.43 3.78
N TYR A 337 -24.51 14.78 3.30
CA TYR A 337 -24.19 16.16 2.99
C TYR A 337 -25.00 16.62 1.77
N SER A 338 -25.31 17.91 1.76
CA SER A 338 -25.94 18.51 0.59
C SER A 338 -24.88 18.78 -0.47
N ALA A 339 -25.33 19.28 -1.63
CA ALA A 339 -24.38 19.61 -2.68
C ALA A 339 -23.48 20.78 -2.27
N LEU A 340 -24.06 21.79 -1.64
CA LEU A 340 -23.26 22.94 -1.19
C LEU A 340 -22.26 22.53 -0.12
N ARG A 341 -22.67 21.68 0.82
CA ARG A 341 -21.75 21.24 1.86
C ARG A 341 -20.58 20.47 1.29
N ALA A 342 -20.84 19.56 0.35
CA ALA A 342 -19.76 18.81 -0.28
C ALA A 342 -18.85 19.72 -1.09
N GLY A 343 -19.44 20.68 -1.82
CA GLY A 343 -18.63 21.61 -2.58
C GLY A 343 -17.71 22.44 -1.68
N VAL A 344 -18.22 22.89 -0.53
CA VAL A 344 -17.41 23.66 0.40
C VAL A 344 -16.34 22.76 1.02
N GLY A 345 -16.67 21.51 1.31
CA GLY A 345 -15.72 20.62 1.93
C GLY A 345 -14.64 20.08 1.00
N PHE A 346 -14.85 20.19 -0.30
CA PHE A 346 -13.85 19.72 -1.27
C PHE A 346 -12.79 20.78 -1.61
N ILE A 347 -12.87 21.98 -1.02
CA ILE A 347 -11.85 22.99 -1.27
C ILE A 347 -10.47 22.55 -0.80
N PRO A 348 -10.29 21.91 0.36
CA PRO A 348 -8.95 21.43 0.71
C PRO A 348 -8.33 20.51 -0.32
N PHE A 349 -9.13 19.75 -1.07
CA PHE A 349 -8.57 18.97 -2.17
C PHE A 349 -7.95 19.89 -3.21
N VAL A 350 -8.63 21.00 -3.55
CA VAL A 350 -8.09 21.93 -4.53
C VAL A 350 -6.78 22.54 -4.02
N ILE A 351 -6.75 22.92 -2.74
CA ILE A 351 -5.52 23.51 -2.20
C ILE A 351 -4.37 22.51 -2.21
N ALA A 352 -4.64 21.27 -1.79
CA ALA A 352 -3.60 20.25 -1.77
C ALA A 352 -3.11 19.92 -3.17
N MET A 353 -4.04 19.85 -4.14
CA MET A 353 -3.63 19.60 -5.51
C MET A 353 -2.79 20.74 -6.06
N GLY A 354 -3.14 21.98 -5.72
CA GLY A 354 -2.32 23.11 -6.13
C GLY A 354 -0.92 23.03 -5.56
N ILE A 355 -0.81 22.66 -4.28
CA ILE A 355 0.52 22.51 -3.67
C ILE A 355 1.31 21.43 -4.38
N GLY A 356 0.67 20.30 -4.67
CA GLY A 356 1.36 19.22 -5.35
C GLY A 356 1.82 19.59 -6.75
N LEU A 357 0.96 20.29 -7.49
CA LEU A 357 1.33 20.74 -8.84
C LEU A 357 2.50 21.72 -8.78
N GLY A 358 2.46 22.65 -7.82
CA GLY A 358 3.57 23.58 -7.68
C GLY A 358 4.88 22.90 -7.35
N VAL A 359 4.84 21.90 -6.48
CA VAL A 359 6.04 21.16 -6.14
C VAL A 359 6.57 20.39 -7.35
N SER A 360 5.67 19.72 -8.08
CA SER A 360 6.11 18.87 -9.19
C SER A 360 6.63 19.69 -10.37
N SER A 361 6.02 20.84 -10.63
CA SER A 361 6.48 21.67 -11.74
C SER A 361 7.89 22.19 -11.51
N GLN A 362 8.35 22.23 -10.25
CA GLN A 362 9.73 22.57 -9.94
C GLN A 362 10.62 21.34 -9.90
N LEU A 363 10.10 20.20 -9.44
CA LEU A 363 10.91 18.99 -9.31
C LEU A 363 11.15 18.27 -10.64
N VAL A 364 10.33 18.51 -11.66
CA VAL A 364 10.47 17.77 -12.91
C VAL A 364 11.75 18.07 -13.66
N SER A 365 12.50 19.10 -13.25
CA SER A 365 13.75 19.43 -13.93
C SER A 365 14.93 18.62 -13.42
N ARG A 366 14.77 17.87 -12.34
CA ARG A 366 15.84 17.07 -11.75
C ARG A 366 15.56 15.59 -11.73
N PHE A 367 14.30 15.19 -11.52
CA PHE A 367 13.93 13.80 -11.41
C PHE A 367 13.14 13.35 -12.63
N SER A 368 13.31 12.08 -13.00
CA SER A 368 12.60 11.53 -14.13
C SER A 368 11.10 11.44 -13.84
N PRO A 369 10.26 11.43 -14.87
CA PRO A 369 8.80 11.35 -14.63
C PRO A 369 8.38 10.09 -13.87
N ARG A 370 9.10 8.98 -14.06
CA ARG A 370 8.73 7.74 -13.40
C ARG A 370 8.78 7.88 -11.88
N VAL A 371 9.84 8.51 -11.35
CA VAL A 371 9.99 8.62 -9.90
C VAL A 371 8.87 9.47 -9.31
N LEU A 372 8.57 10.60 -9.94
CA LEU A 372 7.53 11.49 -9.43
C LEU A 372 6.16 10.82 -9.51
N THR A 373 5.88 10.12 -10.61
CA THR A 373 4.62 9.40 -10.73
C THR A 373 4.48 8.35 -9.64
N ILE A 374 5.55 7.60 -9.38
CA ILE A 374 5.50 6.57 -8.36
C ILE A 374 5.29 7.17 -6.97
N GLY A 375 5.96 8.29 -6.68
CA GLY A 375 5.77 8.91 -5.38
C GLY A 375 4.37 9.44 -5.17
N GLY A 376 3.83 10.14 -6.18
CA GLY A 376 2.46 10.62 -6.08
C GLY A 376 1.47 9.48 -5.93
N GLY A 377 1.66 8.41 -6.69
CA GLY A 377 0.79 7.26 -6.54
C GLY A 377 0.92 6.58 -5.19
N TYR A 378 2.12 6.57 -4.62
CA TYR A 378 2.31 6.03 -3.27
C TYR A 378 1.48 6.81 -2.26
N LEU A 379 1.53 8.14 -2.34
CA LEU A 379 0.72 8.96 -1.44
C LEU A 379 -0.77 8.70 -1.66
N LEU A 380 -1.20 8.63 -2.92
CA LEU A 380 -2.61 8.41 -3.21
C LEU A 380 -3.08 7.04 -2.70
N PHE A 381 -2.25 6.01 -2.88
CA PHE A 381 -2.59 4.67 -2.41
C PHE A 381 -2.71 4.63 -0.89
N GLY A 382 -1.80 5.32 -0.20
CA GLY A 382 -1.93 5.40 1.25
C GLY A 382 -3.21 6.08 1.69
N ALA A 383 -3.56 7.19 1.03
CA ALA A 383 -4.80 7.87 1.35
C ALA A 383 -6.02 6.98 1.10
N MET A 384 -6.01 6.25 -0.02
CA MET A 384 -7.14 5.38 -0.34
C MET A 384 -7.27 4.24 0.68
N LEU A 385 -6.15 3.65 1.09
CA LEU A 385 -6.21 2.58 2.09
C LEU A 385 -6.71 3.11 3.43
N TYR A 386 -6.22 4.28 3.85
CA TYR A 386 -6.71 4.87 5.09
C TYR A 386 -8.21 5.14 5.02
N GLY A 387 -8.68 5.65 3.88
CA GLY A 387 -10.11 5.88 3.72
C GLY A 387 -10.91 4.59 3.76
N SER A 388 -10.41 3.55 3.13
CA SER A 388 -11.13 2.27 3.12
C SER A 388 -11.22 1.68 4.53
N PHE A 389 -10.14 1.76 5.31
CA PHE A 389 -10.11 1.07 6.59
C PHE A 389 -10.99 1.75 7.64
N PHE A 390 -10.93 3.08 7.74
CA PHE A 390 -11.49 3.80 8.88
C PHE A 390 -12.56 4.80 8.47
N MET A 391 -13.51 4.40 7.62
CA MET A 391 -14.55 5.31 7.16
C MET A 391 -15.90 4.62 7.24
N HIS A 392 -16.85 5.26 7.92
CA HIS A 392 -18.22 4.77 7.99
C HIS A 392 -19.10 5.94 8.41
N ARG A 393 -20.42 5.74 8.31
CA ARG A 393 -21.35 6.80 8.66
C ARG A 393 -21.26 7.13 10.14
N GLY A 394 -21.27 8.42 10.45
CA GLY A 394 -21.17 8.90 11.81
C GLY A 394 -19.81 9.40 12.22
N VAL A 395 -18.80 9.26 11.36
CA VAL A 395 -17.47 9.76 11.68
C VAL A 395 -17.48 11.28 11.61
N PRO A 396 -16.69 11.97 12.44
CA PRO A 396 -16.57 13.42 12.30
C PRO A 396 -15.80 13.80 11.05
N TYR A 397 -16.06 15.01 10.58
CA TYR A 397 -15.43 15.48 9.34
C TYR A 397 -13.94 15.71 9.53
N PHE A 398 -13.56 16.42 10.60
CA PHE A 398 -12.20 16.94 10.70
C PHE A 398 -11.14 15.85 10.78
N PRO A 399 -11.22 14.88 11.69
CA PRO A 399 -10.12 13.89 11.76
C PRO A 399 -10.15 12.85 10.66
N ASN A 400 -11.31 12.62 10.02
CA ASN A 400 -11.47 11.46 9.17
C ASN A 400 -11.59 11.77 7.68
N LEU A 401 -11.88 13.02 7.30
CA LEU A 401 -12.07 13.33 5.89
C LEU A 401 -10.96 14.19 5.29
N VAL A 402 -10.58 15.29 5.95
CA VAL A 402 -9.66 16.22 5.30
C VAL A 402 -8.28 15.59 5.10
N MET A 403 -7.83 14.79 6.07
CA MET A 403 -6.49 14.22 5.97
C MET A 403 -6.33 13.29 4.77
N PRO A 404 -7.17 12.26 4.57
CA PRO A 404 -7.03 11.47 3.33
C PRO A 404 -7.24 12.28 2.08
N ILE A 405 -8.16 13.25 2.11
CA ILE A 405 -8.39 14.10 0.94
C ILE A 405 -7.16 14.93 0.63
N VAL A 406 -6.54 15.52 1.66
CA VAL A 406 -5.35 16.34 1.44
C VAL A 406 -4.20 15.50 0.92
N VAL A 407 -3.98 14.32 1.52
CA VAL A 407 -2.87 13.48 1.07
C VAL A 407 -3.09 13.01 -0.36
N GLY A 408 -4.32 12.59 -0.68
CA GLY A 408 -4.61 12.16 -2.04
C GLY A 408 -4.49 13.29 -3.05
N GLY A 409 -4.92 14.50 -2.65
CA GLY A 409 -4.76 15.64 -3.53
C GLY A 409 -3.31 15.97 -3.81
N ILE A 410 -2.47 15.92 -2.78
CA ILE A 410 -1.04 16.15 -2.98
C ILE A 410 -0.46 15.09 -3.91
N GLY A 411 -0.81 13.83 -3.69
CA GLY A 411 -0.31 12.77 -4.55
C GLY A 411 -0.75 12.92 -6.00
N ILE A 412 -2.03 13.23 -6.22
CA ILE A 412 -2.55 13.39 -7.57
C ILE A 412 -1.88 14.58 -8.25
N GLY A 413 -1.74 15.70 -7.53
CA GLY A 413 -1.08 16.86 -8.12
C GLY A 413 0.37 16.58 -8.48
N MET A 414 1.07 15.82 -7.64
CA MET A 414 2.45 15.51 -7.92
C MET A 414 2.58 14.53 -9.08
N ALA A 415 1.59 13.65 -9.27
CA ALA A 415 1.67 12.66 -10.33
C ALA A 415 1.19 13.19 -11.68
N VAL A 416 0.29 14.18 -11.70
CA VAL A 416 -0.33 14.58 -12.95
C VAL A 416 0.67 15.30 -13.87
N VAL A 417 1.49 16.19 -13.31
CA VAL A 417 2.34 17.03 -14.15
C VAL A 417 3.30 16.23 -15.02
N PRO A 418 4.07 15.27 -14.50
CA PRO A 418 4.97 14.51 -15.39
C PRO A 418 4.23 13.69 -16.44
N LEU A 419 3.05 13.15 -16.12
CA LEU A 419 2.33 12.32 -17.08
C LEU A 419 1.89 13.14 -18.29
N THR A 420 1.35 14.32 -18.07
CA THR A 420 0.92 15.18 -19.17
C THR A 420 2.05 16.00 -19.76
N LEU A 421 3.21 16.06 -19.11
CA LEU A 421 4.41 16.58 -19.76
C LEU A 421 5.01 15.56 -20.72
N SER A 422 4.89 14.27 -20.40
CA SER A 422 5.43 13.23 -21.26
C SER A 422 4.54 12.92 -22.46
N ALA A 423 3.29 13.38 -22.45
CA ALA A 423 2.36 13.07 -23.52
C ALA A 423 2.54 13.98 -24.74
N ILE A 424 3.26 15.08 -24.61
CA ILE A 424 3.42 16.04 -25.69
C ILE A 424 4.90 16.24 -25.98
N ALA A 425 5.71 15.21 -25.76
CA ALA A 425 7.16 15.30 -25.88
C ALA A 425 7.61 14.77 -27.23
N GLY A 426 8.40 15.58 -27.94
CA GLY A 426 9.03 15.16 -29.18
C GLY A 426 8.11 14.80 -30.32
N VAL A 427 7.12 15.66 -30.60
CA VAL A 427 6.16 15.41 -31.67
C VAL A 427 6.33 16.40 -32.81
N GLY A 428 6.64 17.66 -32.51
CA GLY A 428 6.73 18.68 -33.54
C GLY A 428 5.42 19.42 -33.74
N PHE A 429 5.49 20.44 -34.61
CA PHE A 429 4.32 21.29 -34.82
C PHE A 429 3.27 20.64 -35.70
N ASP A 430 3.68 19.81 -36.67
CA ASP A 430 2.73 19.25 -37.62
C ASP A 430 1.98 18.03 -37.10
N GLN A 431 2.33 17.53 -35.92
CA GLN A 431 1.67 16.34 -35.37
C GLN A 431 1.21 16.53 -33.93
N ILE A 432 1.31 17.74 -33.38
CA ILE A 432 0.90 17.96 -32.00
C ILE A 432 -0.62 17.90 -31.86
N GLY A 433 -1.35 18.34 -32.87
CA GLY A 433 -2.80 18.40 -32.81
C GLY A 433 -3.47 17.06 -32.61
N PRO A 434 -3.23 16.12 -33.53
CA PRO A 434 -3.79 14.76 -33.35
C PRO A 434 -3.30 14.08 -32.09
N VAL A 435 -2.04 14.30 -31.68
CA VAL A 435 -1.55 13.68 -30.46
C VAL A 435 -2.31 14.18 -29.24
N SER A 436 -2.53 15.50 -29.16
CA SER A 436 -3.31 16.06 -28.07
C SER A 436 -4.74 15.55 -28.10
N ALA A 437 -5.33 15.46 -29.29
CA ALA A 437 -6.69 14.93 -29.40
C ALA A 437 -6.76 13.50 -28.91
N ILE A 438 -5.77 12.67 -29.27
CA ILE A 438 -5.76 11.28 -28.83
C ILE A 438 -5.60 11.19 -27.31
N ALA A 439 -4.75 12.04 -26.73
CA ALA A 439 -4.58 12.02 -25.28
C ALA A 439 -5.88 12.39 -24.56
N LEU A 440 -6.56 13.45 -25.04
CA LEU A 440 -7.84 13.83 -24.45
C LEU A 440 -8.87 12.71 -24.60
N MET A 441 -8.93 12.08 -25.77
CA MET A 441 -9.89 11.02 -25.99
C MET A 441 -9.61 9.82 -25.10
N LEU A 442 -8.34 9.46 -24.92
CA LEU A 442 -8.01 8.33 -24.04
C LEU A 442 -8.39 8.64 -22.60
N GLN A 443 -8.10 9.85 -22.14
CA GLN A 443 -8.53 10.22 -20.79
C GLN A 443 -10.04 10.14 -20.63
N SER A 444 -10.79 10.68 -21.60
CA SER A 444 -12.24 10.68 -21.49
C SER A 444 -12.82 9.28 -21.61
N LEU A 445 -12.18 8.41 -22.39
CA LEU A 445 -12.66 7.05 -22.60
C LEU A 445 -12.36 6.15 -21.40
N GLY A 446 -11.25 6.37 -20.71
CA GLY A 446 -10.88 5.47 -19.63
C GLY A 446 -11.82 5.49 -18.43
N GLY A 447 -12.52 6.59 -18.22
CA GLY A 447 -13.35 6.76 -17.05
C GLY A 447 -14.50 5.78 -16.91
N PRO A 448 -15.45 5.85 -17.85
CA PRO A 448 -16.62 4.95 -17.76
C PRO A 448 -16.27 3.47 -17.74
N LEU A 449 -15.19 3.07 -18.41
CA LEU A 449 -14.81 1.66 -18.42
C LEU A 449 -14.54 1.15 -17.01
N VAL A 450 -13.73 1.88 -16.24
CA VAL A 450 -13.43 1.47 -14.87
C VAL A 450 -14.63 1.69 -13.96
N LEU A 451 -15.39 2.76 -14.22
CA LEU A 451 -16.54 3.06 -13.37
C LEU A 451 -17.58 1.96 -13.44
N ALA A 452 -17.78 1.37 -14.62
CA ALA A 452 -18.75 0.28 -14.75
C ALA A 452 -18.36 -0.90 -13.87
N VAL A 453 -17.08 -1.29 -13.89
CA VAL A 453 -16.62 -2.40 -13.06
C VAL A 453 -16.79 -2.08 -11.58
N ILE A 454 -16.41 -0.86 -11.18
CA ILE A 454 -16.50 -0.51 -9.76
C ILE A 454 -17.96 -0.53 -9.30
N GLN A 455 -18.86 0.02 -10.12
CA GLN A 455 -20.27 0.06 -9.75
C GLN A 455 -20.87 -1.35 -9.71
N ALA A 456 -20.46 -2.22 -10.64
CA ALA A 456 -20.92 -3.60 -10.60
C ALA A 456 -20.49 -4.29 -9.33
N VAL A 457 -19.23 -4.09 -8.92
CA VAL A 457 -18.74 -4.69 -7.67
C VAL A 457 -19.53 -4.16 -6.47
N ILE A 458 -19.77 -2.84 -6.46
CA ILE A 458 -20.49 -2.23 -5.34
C ILE A 458 -21.90 -2.79 -5.25
N THR A 459 -22.60 -2.90 -6.39
CA THR A 459 -23.95 -3.44 -6.37
C THR A 459 -23.98 -4.90 -5.96
N SER A 460 -23.01 -5.68 -6.44
CA SER A 460 -22.95 -7.10 -6.06
C SER A 460 -22.78 -7.26 -4.56
N ARG A 461 -21.88 -6.48 -3.95
CA ARG A 461 -21.72 -6.63 -2.51
C ARG A 461 -22.86 -6.01 -1.73
N THR A 462 -23.53 -4.99 -2.28
CA THR A 462 -24.72 -4.46 -1.63
C THR A 462 -25.79 -5.54 -1.53
N LEU A 463 -26.00 -6.28 -2.62
CA LEU A 463 -26.95 -7.39 -2.59
C LEU A 463 -26.46 -8.51 -1.68
N TYR A 464 -25.14 -8.74 -1.63
CA TYR A 464 -24.61 -9.84 -0.83
C TYR A 464 -24.87 -9.66 0.66
N LEU A 465 -24.67 -8.44 1.16
CA LEU A 465 -24.76 -8.17 2.60
C LEU A 465 -26.18 -7.90 3.06
N GLY A 466 -27.20 -8.22 2.27
CA GLY A 466 -28.57 -8.01 2.67
C GLY A 466 -29.19 -6.71 2.25
N GLY A 467 -28.56 -5.96 1.36
CA GLY A 467 -29.13 -4.72 0.87
C GLY A 467 -30.14 -4.94 -0.22
N THR A 468 -30.62 -3.83 -0.78
CA THR A 468 -31.63 -3.88 -1.83
C THR A 468 -31.29 -2.83 -2.88
N THR A 469 -31.92 -2.98 -4.05
CA THR A 469 -31.74 -2.06 -5.16
C THR A 469 -32.95 -1.13 -5.23
N GLY A 470 -32.72 0.16 -5.03
CA GLY A 470 -33.78 1.14 -5.06
C GLY A 470 -33.33 2.50 -4.57
N PRO A 471 -34.26 3.45 -4.50
CA PRO A 471 -33.90 4.78 -3.98
C PRO A 471 -33.38 4.69 -2.56
N VAL A 472 -32.37 5.52 -2.27
CA VAL A 472 -31.76 5.51 -0.95
C VAL A 472 -32.71 6.06 0.11
N LYS A 473 -33.66 6.90 -0.30
CA LYS A 473 -34.54 7.57 0.65
C LYS A 473 -35.49 6.61 1.37
N PHE A 474 -35.61 5.36 0.92
CA PHE A 474 -36.56 4.42 1.50
C PHE A 474 -35.91 3.33 2.35
N MET A 475 -34.62 3.05 2.16
CA MET A 475 -33.99 1.94 2.86
C MET A 475 -33.78 2.25 4.34
N ASN A 476 -33.82 1.21 5.16
CA ASN A 476 -33.63 1.31 6.60
C ASN A 476 -32.16 1.12 6.95
N ASP A 477 -31.88 0.93 8.25
CA ASP A 477 -30.50 0.94 8.72
C ASP A 477 -29.67 -0.19 8.14
N VAL A 478 -30.25 -1.39 8.03
CA VAL A 478 -29.47 -2.54 7.59
C VAL A 478 -28.97 -2.35 6.16
N GLN A 479 -29.87 -1.91 5.27
CA GLN A 479 -29.48 -1.72 3.88
C GLN A 479 -28.56 -0.52 3.71
N LEU A 480 -28.71 0.49 4.55
CA LEU A 480 -27.79 1.63 4.52
C LEU A 480 -26.38 1.20 4.95
N ALA A 481 -26.28 0.35 5.97
CA ALA A 481 -24.98 -0.18 6.36
C ALA A 481 -24.40 -1.06 5.27
N ALA A 482 -25.27 -1.80 4.56
CA ALA A 482 -24.81 -2.58 3.42
C ALA A 482 -24.20 -1.68 2.34
N LEU A 483 -24.85 -0.55 2.05
CA LEU A 483 -24.27 0.41 1.10
C LEU A 483 -22.94 0.95 1.59
N ASP A 484 -22.85 1.28 2.88
CA ASP A 484 -21.60 1.79 3.43
C ASP A 484 -20.46 0.81 3.22
N HIS A 485 -20.70 -0.46 3.58
CA HIS A 485 -19.68 -1.48 3.42
C HIS A 485 -19.35 -1.69 1.94
N ALA A 486 -20.35 -1.64 1.06
CA ALA A 486 -20.10 -1.83 -0.36
C ALA A 486 -19.20 -0.74 -0.92
N TYR A 487 -19.45 0.52 -0.55
CA TYR A 487 -18.58 1.61 -1.00
C TYR A 487 -17.17 1.46 -0.47
N THR A 488 -17.02 1.21 0.83
CA THR A 488 -15.67 1.06 1.36
C THR A 488 -14.97 -0.18 0.83
N TYR A 489 -15.72 -1.14 0.28
CA TYR A 489 -15.12 -2.31 -0.35
C TYR A 489 -14.70 -2.01 -1.79
N GLY A 490 -15.49 -1.21 -2.51
CA GLY A 490 -15.09 -0.82 -3.86
C GLY A 490 -13.89 0.11 -3.87
N LEU A 491 -13.69 0.86 -2.79
CA LEU A 491 -12.47 1.65 -2.68
C LEU A 491 -11.22 0.77 -2.78
N LEU A 492 -11.28 -0.46 -2.27
CA LEU A 492 -10.15 -1.37 -2.39
C LEU A 492 -9.87 -1.73 -3.84
N TRP A 493 -10.92 -1.94 -4.63
CA TRP A 493 -10.73 -2.23 -6.05
C TRP A 493 -10.13 -1.03 -6.77
N VAL A 494 -10.54 0.18 -6.39
CA VAL A 494 -9.91 1.37 -6.96
C VAL A 494 -8.42 1.40 -6.63
N ALA A 495 -8.07 1.05 -5.38
CA ALA A 495 -6.66 1.02 -4.99
C ALA A 495 -5.88 -0.02 -5.78
N GLY A 496 -6.48 -1.19 -6.02
CA GLY A 496 -5.82 -2.20 -6.84
C GLY A 496 -5.60 -1.74 -8.26
N ALA A 497 -6.59 -1.03 -8.82
CA ALA A 497 -6.41 -0.45 -10.15
C ALA A 497 -5.25 0.53 -10.16
N ALA A 498 -5.12 1.34 -9.11
CA ALA A 498 -3.98 2.25 -9.01
C ALA A 498 -2.66 1.50 -8.96
N ILE A 499 -2.63 0.39 -8.23
CA ILE A 499 -1.43 -0.45 -8.18
C ILE A 499 -1.05 -0.93 -9.59
N ILE A 500 -2.04 -1.39 -10.35
CA ILE A 500 -1.78 -1.84 -11.72
C ILE A 500 -1.25 -0.68 -12.56
N VAL A 501 -1.84 0.51 -12.39
CA VAL A 501 -1.40 1.68 -13.14
C VAL A 501 0.07 1.97 -12.87
N GLY A 502 0.47 1.91 -11.60
CA GLY A 502 1.87 2.17 -11.26
C GLY A 502 2.81 1.09 -11.79
N GLY A 503 2.40 -0.18 -11.68
CA GLY A 503 3.23 -1.24 -12.21
C GLY A 503 3.47 -1.09 -13.70
N MET A 504 2.45 -0.64 -14.43
CA MET A 504 2.61 -0.42 -15.86
C MET A 504 3.38 0.86 -16.17
N ALA A 505 3.23 1.89 -15.34
CA ALA A 505 3.98 3.13 -15.53
C ALA A 505 5.44 3.00 -15.13
N LEU A 506 5.82 1.90 -14.50
CA LEU A 506 7.23 1.64 -14.19
C LEU A 506 8.10 1.49 -15.44
N PHE A 507 7.49 1.56 -16.63
CA PHE A 507 8.19 1.31 -17.89
C PHE A 507 8.15 2.54 -18.81
N ILE A 508 8.36 3.73 -18.27
CA ILE A 508 8.30 4.93 -19.09
C ILE A 508 9.61 5.14 -19.85
N GLY A 509 10.70 5.31 -19.12
CA GLY A 509 12.01 5.42 -19.73
C GLY A 509 12.42 6.81 -20.16
N TYR A 510 11.56 7.80 -20.02
CA TYR A 510 11.92 9.17 -20.36
C TYR A 510 12.91 9.73 -19.35
N THR A 511 13.71 10.67 -19.80
CA THR A 511 14.68 11.37 -18.96
C THR A 511 14.27 12.83 -18.79
N PRO A 512 14.69 13.49 -17.71
CA PRO A 512 14.32 14.89 -17.51
C PRO A 512 14.75 15.82 -18.64
N GLN A 513 15.85 15.50 -19.34
CA GLN A 513 16.34 16.39 -20.38
C GLN A 513 15.43 16.39 -21.60
N GLN A 514 14.74 15.27 -21.86
CA GLN A 514 13.85 15.18 -23.01
C GLN A 514 12.47 15.76 -22.75
N VAL A 515 12.15 16.13 -21.51
CA VAL A 515 10.80 16.50 -21.11
C VAL A 515 10.74 17.91 -20.55
N ALA A 516 11.62 18.23 -19.59
CA ALA A 516 11.51 19.47 -18.84
C ALA A 516 12.73 20.37 -18.94
N HIS A 517 13.65 20.10 -19.86
CA HIS A 517 14.85 20.91 -20.01
C HIS A 517 14.79 21.66 -21.32
N ALA A 518 15.10 22.95 -21.27
CA ALA A 518 15.02 23.80 -22.46
C ALA A 518 16.14 23.48 -23.44
N GLN A 519 16.08 24.13 -24.60
CA GLN A 519 17.10 23.99 -25.65
C GLN A 519 17.23 22.54 -26.10
N SER B 48 -13.60 -10.57 33.77
CA SER B 48 -12.66 -9.73 33.03
C SER B 48 -11.25 -9.94 33.53
N ARG B 49 -11.10 -10.29 34.81
CA ARG B 49 -9.78 -10.56 35.36
C ARG B 49 -9.25 -11.92 34.93
N SER B 50 -10.13 -12.91 34.76
CA SER B 50 -9.69 -14.24 34.33
C SER B 50 -9.07 -14.18 32.94
N PHE B 51 -9.68 -13.43 32.03
CA PHE B 51 -9.13 -13.30 30.67
C PHE B 51 -7.74 -12.68 30.69
N ILE B 52 -7.58 -11.61 31.47
CA ILE B 52 -6.28 -10.93 31.55
C ILE B 52 -5.23 -11.87 32.17
N ALA B 53 -5.60 -12.57 33.24
CA ALA B 53 -4.67 -13.49 33.86
C ALA B 53 -4.25 -14.59 32.89
N ALA B 54 -5.21 -15.14 32.14
CA ALA B 54 -4.89 -16.20 31.20
C ALA B 54 -3.96 -15.71 30.10
N VAL B 55 -4.25 -14.54 29.52
CA VAL B 55 -3.43 -14.08 28.41
C VAL B 55 -2.03 -13.71 28.88
N ILE B 56 -1.91 -13.10 30.06
CA ILE B 56 -0.59 -12.77 30.58
C ILE B 56 0.20 -14.03 30.89
N ALA B 57 -0.45 -15.03 31.50
CA ALA B 57 0.24 -16.27 31.83
C ALA B 57 0.73 -16.97 30.58
N ILE B 58 -0.10 -17.00 29.53
CA ILE B 58 0.30 -17.66 28.30
C ILE B 58 1.43 -16.92 27.62
N GLY B 59 1.36 -15.58 27.57
CA GLY B 59 2.40 -14.84 26.89
C GLY B 59 3.65 -14.56 27.70
N GLY B 60 3.71 -14.98 28.96
CA GLY B 60 4.87 -14.68 29.78
C GLY B 60 6.18 -15.24 29.28
N MET B 61 6.16 -16.41 28.65
CA MET B 61 7.42 -17.05 28.28
C MET B 61 8.11 -16.30 27.14
N GLN B 62 7.34 -15.69 26.24
CA GLN B 62 7.95 -14.87 25.20
C GLN B 62 8.72 -13.72 25.81
N LEU B 63 8.12 -13.03 26.77
CA LEU B 63 8.78 -11.95 27.48
C LEU B 63 10.05 -12.45 28.17
N LEU B 64 9.94 -13.57 28.88
CA LEU B 64 11.09 -14.10 29.62
C LEU B 64 12.25 -14.41 28.69
N ALA B 65 11.98 -15.17 27.63
CA ALA B 65 13.04 -15.59 26.73
C ALA B 65 13.68 -14.39 26.03
N THR B 66 12.86 -13.47 25.51
CA THR B 66 13.41 -12.34 24.78
C THR B 66 14.22 -11.43 25.69
N MET B 67 13.71 -11.14 26.90
CA MET B 67 14.45 -10.31 27.83
C MET B 67 15.76 -10.97 28.24
N ASP B 68 15.74 -12.28 28.47
CA ASP B 68 16.98 -12.97 28.83
C ASP B 68 18.00 -12.88 27.71
N SER B 69 17.56 -13.07 26.46
CA SER B 69 18.50 -12.97 25.34
C SER B 69 19.10 -11.58 25.23
N THR B 70 18.27 -10.54 25.35
CA THR B 70 18.78 -9.17 25.26
C THR B 70 19.76 -8.87 26.38
N VAL B 71 19.43 -9.27 27.61
CA VAL B 71 20.33 -9.02 28.74
C VAL B 71 21.65 -9.75 28.56
N ALA B 72 21.59 -11.02 28.11
CA ALA B 72 22.82 -11.77 27.90
C ALA B 72 23.69 -11.12 26.84
N ILE B 73 23.06 -10.56 25.80
CA ILE B 73 23.83 -9.84 24.78
C ILE B 73 24.48 -8.60 25.37
N VAL B 74 23.74 -7.84 26.20
CA VAL B 74 24.26 -6.58 26.72
C VAL B 74 25.45 -6.81 27.66
N ALA B 75 25.33 -7.78 28.57
CA ALA B 75 26.29 -7.95 29.65
C ALA B 75 27.42 -8.94 29.31
N LEU B 76 27.68 -9.18 28.02
CA LEU B 76 28.73 -10.13 27.67
C LEU B 76 30.13 -9.65 28.04
N PRO B 77 30.56 -8.41 27.74
CA PRO B 77 31.94 -8.02 28.07
C PRO B 77 32.27 -8.12 29.55
N LYS B 78 31.34 -7.78 30.43
CA LYS B 78 31.60 -7.90 31.86
C LYS B 78 31.81 -9.35 32.26
N ILE B 79 31.03 -10.26 31.68
CA ILE B 79 31.23 -11.69 31.91
C ILE B 79 32.63 -12.11 31.47
N GLN B 80 33.03 -11.64 30.28
CA GLN B 80 34.36 -11.99 29.78
C GLN B 80 35.46 -11.48 30.71
N ASN B 81 35.33 -10.24 31.18
CA ASN B 81 36.37 -9.68 32.04
C ASN B 81 36.45 -10.39 33.37
N GLU B 82 35.30 -10.60 34.05
CA GLU B 82 35.35 -11.18 35.37
C GLU B 82 35.72 -12.66 35.33
N LEU B 83 35.08 -13.42 34.43
CA LEU B 83 35.31 -14.86 34.38
C LEU B 83 36.56 -15.23 33.58
N SER B 84 37.20 -14.27 32.92
CA SER B 84 38.43 -14.49 32.15
C SER B 84 38.22 -15.56 31.07
N LEU B 85 37.32 -15.25 30.14
CA LEU B 85 37.03 -16.12 29.02
C LEU B 85 37.67 -15.58 27.75
N SER B 86 38.04 -16.49 26.86
CA SER B 86 38.60 -16.12 25.56
C SER B 86 37.45 -15.82 24.60
N ASP B 87 37.78 -15.58 23.32
CA ASP B 87 36.75 -15.31 22.33
C ASP B 87 35.86 -16.53 22.12
N ALA B 88 36.47 -17.73 22.10
CA ALA B 88 35.69 -18.95 21.91
C ALA B 88 34.68 -19.14 23.04
N GLY B 89 35.13 -18.93 24.28
CA GLY B 89 34.21 -19.04 25.41
C GLY B 89 33.13 -17.98 25.38
N ARG B 90 33.48 -16.77 24.97
CA ARG B 90 32.48 -15.70 24.88
C ARG B 90 31.42 -16.04 23.86
N SER B 91 31.82 -16.59 22.70
CA SER B 91 30.83 -17.02 21.72
C SER B 91 30.01 -18.20 22.23
N TRP B 92 30.65 -19.12 22.95
CA TRP B 92 29.94 -20.31 23.43
C TRP B 92 28.92 -19.96 24.50
N VAL B 93 29.14 -18.87 25.24
CA VAL B 93 28.15 -18.44 26.23
C VAL B 93 26.81 -18.19 25.56
N ILE B 94 26.81 -17.60 24.37
CA ILE B 94 25.56 -17.37 23.65
C ILE B 94 25.15 -18.63 22.87
N THR B 95 26.11 -19.38 22.35
CA THR B 95 25.78 -20.54 21.53
C THR B 95 25.12 -21.66 22.34
N ALA B 96 25.47 -21.78 23.62
CA ALA B 96 24.94 -22.88 24.43
C ALA B 96 23.42 -22.79 24.55
N TYR B 97 22.89 -21.59 24.68
CA TYR B 97 21.44 -21.44 24.78
C TYR B 97 20.75 -21.86 23.49
N VAL B 98 21.20 -21.34 22.35
CA VAL B 98 20.52 -21.61 21.09
C VAL B 98 20.65 -23.07 20.70
N LEU B 99 21.74 -23.74 21.09
CA LEU B 99 21.90 -25.14 20.73
C LEU B 99 20.73 -25.99 21.25
N THR B 100 20.45 -25.89 22.55
CA THR B 100 19.34 -26.64 23.12
C THR B 100 17.98 -25.99 22.86
N PHE B 101 17.96 -24.70 22.51
CA PHE B 101 16.69 -24.07 22.17
C PHE B 101 16.17 -24.55 20.82
N GLY B 102 17.06 -24.65 19.83
CA GLY B 102 16.67 -25.13 18.52
C GLY B 102 16.71 -26.64 18.40
N GLY B 103 17.48 -27.31 19.26
CA GLY B 103 17.54 -28.75 19.21
C GLY B 103 16.25 -29.44 19.63
N LEU B 104 15.61 -28.91 20.68
CA LEU B 104 14.50 -29.60 21.34
C LEU B 104 13.19 -28.85 21.21
N MET B 105 12.89 -28.32 20.02
CA MET B 105 11.65 -27.56 19.88
C MET B 105 10.51 -28.39 19.31
N LEU B 106 10.79 -29.27 18.33
CA LEU B 106 9.75 -30.16 17.82
C LEU B 106 9.31 -31.15 18.89
N LEU B 107 10.26 -31.68 19.66
CA LEU B 107 9.90 -32.55 20.78
C LEU B 107 9.07 -31.78 21.80
N GLY B 108 9.43 -30.52 22.06
CA GLY B 108 8.63 -29.72 22.98
C GLY B 108 7.22 -29.49 22.46
N GLY B 109 7.07 -29.33 21.15
CA GLY B 109 5.75 -29.18 20.58
C GLY B 109 4.90 -30.43 20.72
N ARG B 110 5.50 -31.60 20.50
CA ARG B 110 4.75 -32.85 20.59
C ARG B 110 4.55 -33.34 22.01
N LEU B 111 5.34 -32.85 22.98
CA LEU B 111 5.28 -33.39 24.34
C LEU B 111 3.98 -33.02 25.07
N GLY B 112 3.36 -31.92 24.68
CA GLY B 112 2.15 -31.47 25.38
C GLY B 112 0.99 -32.44 25.22
N ASP B 113 0.87 -33.07 24.05
CA ASP B 113 -0.18 -34.05 23.85
C ASP B 113 0.02 -35.30 24.70
N THR B 114 1.25 -35.58 25.13
CA THR B 114 1.55 -36.75 25.94
C THR B 114 1.45 -36.47 27.43
N ILE B 115 1.90 -35.31 27.88
CA ILE B 115 1.90 -34.98 29.30
C ILE B 115 0.72 -34.08 29.68
N GLY B 116 0.44 -33.06 28.88
CA GLY B 116 -0.55 -32.05 29.21
C GLY B 116 0.03 -30.66 29.03
N ARG B 117 -0.67 -29.81 28.28
CA ARG B 117 -0.08 -28.53 27.90
C ARG B 117 0.15 -27.63 29.11
N LYS B 118 -0.78 -27.61 30.06
CA LYS B 118 -0.60 -26.79 31.25
C LYS B 118 0.61 -27.25 32.06
N ARG B 119 0.71 -28.57 32.28
CA ARG B 119 1.83 -29.10 33.04
C ARG B 119 3.15 -28.88 32.33
N THR B 120 3.17 -29.06 31.01
CA THR B 120 4.40 -28.84 30.26
C THR B 120 4.83 -27.38 30.32
N PHE B 121 3.88 -26.45 30.19
CA PHE B 121 4.18 -25.04 30.30
C PHE B 121 4.77 -24.71 31.67
N ILE B 122 4.15 -25.21 32.73
CA ILE B 122 4.62 -24.93 34.09
C ILE B 122 6.01 -25.49 34.30
N VAL B 123 6.25 -26.72 33.82
CA VAL B 123 7.55 -27.36 34.00
C VAL B 123 8.63 -26.58 33.25
N GLY B 124 8.34 -26.16 32.02
CA GLY B 124 9.31 -25.38 31.28
C GLY B 124 9.65 -24.06 31.95
N VAL B 125 8.63 -23.35 32.43
CA VAL B 125 8.89 -22.06 33.10
C VAL B 125 9.71 -22.28 34.37
N ALA B 126 9.39 -23.31 35.15
CA ALA B 126 10.13 -23.58 36.37
C ALA B 126 11.59 -23.93 36.08
N LEU B 127 11.82 -24.76 35.05
CA LEU B 127 13.19 -25.09 34.68
C LEU B 127 13.96 -23.86 34.23
N PHE B 128 13.32 -22.99 33.46
CA PHE B 128 13.97 -21.76 33.04
C PHE B 128 14.36 -20.89 34.23
N THR B 129 13.47 -20.76 35.21
CA THR B 129 13.76 -19.94 36.39
C THR B 129 14.92 -20.51 37.20
N ILE B 130 14.89 -21.82 37.45
CA ILE B 130 15.96 -22.43 38.24
C ILE B 130 17.29 -22.32 37.51
N SER B 131 17.27 -22.51 36.19
CA SER B 131 18.50 -22.39 35.41
C SER B 131 19.03 -20.96 35.40
N SER B 132 18.13 -19.97 35.41
CA SER B 132 18.58 -18.58 35.53
C SER B 132 19.25 -18.34 36.87
N VAL B 133 18.70 -18.92 37.95
CA VAL B 133 19.36 -18.84 39.25
C VAL B 133 20.76 -19.43 39.18
N LEU B 134 20.89 -20.60 38.56
CA LEU B 134 22.19 -21.23 38.43
C LEU B 134 23.16 -20.37 37.60
N CYS B 135 22.64 -19.71 36.56
CA CYS B 135 23.46 -18.78 35.79
C CYS B 135 23.98 -17.66 36.68
N ALA B 136 23.11 -17.10 37.51
CA ALA B 136 23.53 -16.00 38.38
C ALA B 136 24.53 -16.46 39.44
N VAL B 137 24.48 -17.73 39.83
CA VAL B 137 25.38 -18.23 40.87
C VAL B 137 26.68 -18.81 40.30
N ALA B 138 26.73 -19.08 39.01
CA ALA B 138 27.86 -19.81 38.41
C ALA B 138 29.18 -19.13 38.70
N TRP B 139 30.23 -19.94 38.88
CA TRP B 139 31.54 -19.45 39.29
C TRP B 139 32.64 -19.67 38.26
N ASP B 140 32.42 -20.50 37.23
CA ASP B 140 33.44 -20.73 36.22
C ASP B 140 32.75 -20.95 34.87
N GLU B 141 33.56 -21.20 33.84
CA GLU B 141 33.03 -21.29 32.48
C GLU B 141 32.13 -22.52 32.31
N ALA B 142 32.55 -23.66 32.85
CA ALA B 142 31.78 -24.89 32.68
C ALA B 142 30.41 -24.78 33.31
N THR B 143 30.33 -24.22 34.52
CA THR B 143 29.04 -24.07 35.18
C THR B 143 28.13 -23.11 34.42
N LEU B 144 28.69 -22.02 33.89
CA LEU B 144 27.89 -21.10 33.10
C LEU B 144 27.37 -21.77 31.84
N VAL B 145 28.20 -22.57 31.18
CA VAL B 145 27.76 -23.27 29.96
C VAL B 145 26.65 -24.26 30.28
N ILE B 146 26.80 -25.00 31.39
CA ILE B 146 25.77 -25.97 31.77
C ILE B 146 24.45 -25.25 32.08
N ALA B 147 24.53 -24.13 32.80
CA ALA B 147 23.32 -23.38 33.13
C ALA B 147 22.65 -22.81 31.89
N ARG B 148 23.45 -22.33 30.92
CA ARG B 148 22.86 -21.84 29.69
C ARG B 148 22.19 -22.96 28.91
N LEU B 149 22.79 -24.15 28.89
CA LEU B 149 22.16 -25.29 28.23
C LEU B 149 20.83 -25.63 28.91
N SER B 150 20.80 -25.60 30.24
CA SER B 150 19.55 -25.88 30.95
C SER B 150 18.49 -24.83 30.66
N GLN B 151 18.89 -23.55 30.61
CA GLN B 151 17.95 -22.50 30.20
C GLN B 151 17.38 -22.77 28.81
N GLY B 152 18.24 -23.17 27.88
CA GLY B 152 17.77 -23.48 26.54
C GLY B 152 16.78 -24.64 26.53
N VAL B 153 17.06 -25.67 27.33
CA VAL B 153 16.15 -26.81 27.40
C VAL B 153 14.78 -26.37 27.92
N GLY B 154 14.77 -25.59 29.00
CA GLY B 154 13.51 -25.11 29.55
C GLY B 154 12.74 -24.25 28.57
N SER B 155 13.43 -23.34 27.90
CA SER B 155 12.78 -22.49 26.91
C SER B 155 12.21 -23.30 25.75
N ALA B 156 12.96 -24.31 25.29
CA ALA B 156 12.48 -25.15 24.20
C ALA B 156 11.27 -25.98 24.62
N ILE B 157 11.21 -26.38 25.88
CA ILE B 157 10.05 -27.12 26.35
C ILE B 157 8.82 -26.21 26.44
N ALA B 158 9.01 -24.98 26.91
CA ALA B 158 7.86 -24.14 27.24
C ALA B 158 7.37 -23.25 26.09
N SER B 159 8.25 -22.86 25.16
CA SER B 159 7.84 -21.89 24.14
C SER B 159 6.79 -22.44 23.17
N PRO B 160 6.97 -23.62 22.55
CA PRO B 160 5.95 -24.09 21.59
C PRO B 160 4.60 -24.34 22.23
N THR B 161 4.54 -24.54 23.54
CA THR B 161 3.29 -24.76 24.23
C THR B 161 2.47 -23.48 24.38
N GLY B 162 3.12 -22.32 24.39
CA GLY B 162 2.37 -21.08 24.57
C GLY B 162 1.44 -20.76 23.40
N LEU B 163 1.93 -20.91 22.17
CA LEU B 163 1.08 -20.64 21.01
C LEU B 163 -0.04 -21.67 20.90
N ALA B 164 0.25 -22.93 21.21
CA ALA B 164 -0.79 -23.94 21.24
C ALA B 164 -1.83 -23.64 22.31
N LEU B 165 -1.39 -23.10 23.45
CA LEU B 165 -2.34 -22.71 24.50
C LEU B 165 -3.20 -21.54 24.05
N VAL B 166 -2.62 -20.60 23.29
CA VAL B 166 -3.42 -19.52 22.70
C VAL B 166 -4.49 -20.12 21.79
N ALA B 167 -4.10 -21.08 20.96
CA ALA B 167 -5.05 -21.64 19.99
C ALA B 167 -6.13 -22.46 20.66
N THR B 168 -5.79 -23.21 21.71
CA THR B 168 -6.73 -24.16 22.31
C THR B 168 -7.58 -23.55 23.42
N THR B 169 -7.01 -22.66 24.23
CA THR B 169 -7.76 -22.08 25.34
C THR B 169 -8.90 -21.20 24.84
N PHE B 170 -8.66 -20.41 23.81
CA PHE B 170 -9.62 -19.43 23.34
C PHE B 170 -10.24 -19.89 22.03
N PRO B 171 -11.56 -20.07 21.96
CA PRO B 171 -12.18 -20.44 20.68
C PRO B 171 -12.06 -19.32 19.66
N LYS B 172 -12.17 -19.71 18.39
CA LYS B 172 -12.02 -18.75 17.29
C LYS B 172 -13.05 -17.64 17.41
N GLY B 173 -12.59 -16.40 17.25
CA GLY B 173 -13.44 -15.25 17.42
C GLY B 173 -12.67 -14.08 17.99
N PRO B 174 -13.37 -13.13 18.63
CA PRO B 174 -12.67 -11.99 19.23
C PRO B 174 -11.68 -12.37 20.32
N ALA B 175 -11.97 -13.44 21.08
CA ALA B 175 -11.07 -13.84 22.16
C ALA B 175 -9.70 -14.24 21.61
N ARG B 176 -9.68 -15.01 20.53
CA ARG B 176 -8.41 -15.40 19.93
C ARG B 176 -7.68 -14.21 19.34
N ASN B 177 -8.41 -13.24 18.78
CA ASN B 177 -7.78 -12.02 18.26
C ASN B 177 -7.07 -11.26 19.37
N ALA B 178 -7.75 -11.06 20.50
CA ALA B 178 -7.13 -10.36 21.62
C ALA B 178 -5.95 -11.15 22.17
N ALA B 179 -6.09 -12.48 22.26
CA ALA B 179 -4.99 -13.30 22.77
C ALA B 179 -3.77 -13.20 21.87
N THR B 180 -3.97 -13.23 20.55
CA THR B 180 -2.84 -13.11 19.64
C THR B 180 -2.21 -11.72 19.72
N ALA B 181 -3.02 -10.68 19.90
CA ALA B 181 -2.46 -9.33 20.05
C ALA B 181 -1.58 -9.25 21.29
N VAL B 182 -2.04 -9.80 22.41
CA VAL B 182 -1.22 -9.77 23.63
C VAL B 182 0.04 -10.62 23.46
N PHE B 183 -0.10 -11.79 22.83
CA PHE B 183 1.03 -12.67 22.58
C PHE B 183 2.11 -11.97 21.76
N ALA B 184 1.70 -11.16 20.78
CA ALA B 184 2.65 -10.42 19.97
C ALA B 184 3.24 -9.22 20.70
N ALA B 185 2.47 -8.57 21.58
CA ALA B 185 2.97 -7.39 22.28
C ALA B 185 4.02 -7.76 23.31
N MET B 186 3.86 -8.93 23.96
CA MET B 186 4.76 -9.30 25.04
C MET B 186 6.21 -9.43 24.57
N THR B 187 6.41 -9.82 23.30
CA THR B 187 7.77 -9.97 22.79
C THR B 187 8.52 -8.64 22.75
N ALA B 188 7.88 -7.61 22.18
CA ALA B 188 8.51 -6.29 22.14
C ALA B 188 8.69 -5.72 23.54
N ILE B 189 7.69 -5.95 24.41
CA ILE B 189 7.84 -5.49 25.79
C ILE B 189 9.08 -6.12 26.43
N GLY B 190 9.28 -7.42 26.21
CA GLY B 190 10.44 -8.08 26.76
C GLY B 190 11.74 -7.56 26.19
N SER B 191 11.78 -7.29 24.88
CA SER B 191 12.99 -6.77 24.26
C SER B 191 13.41 -5.44 24.89
N VAL B 192 12.47 -4.50 24.97
CA VAL B 192 12.82 -3.17 25.48
C VAL B 192 13.12 -3.24 26.97
N MET B 193 12.40 -4.08 27.72
CA MET B 193 12.72 -4.27 29.13
C MET B 193 14.13 -4.80 29.30
N GLY B 194 14.54 -5.74 28.44
CA GLY B 194 15.90 -6.25 28.51
C GLY B 194 16.94 -5.18 28.26
N LEU B 195 16.72 -4.35 27.23
CA LEU B 195 17.66 -3.25 26.99
C LEU B 195 17.75 -2.32 28.19
N VAL B 196 16.59 -1.94 28.75
CA VAL B 196 16.59 -0.99 29.86
C VAL B 196 17.30 -1.58 31.08
N VAL B 197 17.00 -2.83 31.41
CA VAL B 197 17.61 -3.47 32.58
C VAL B 197 19.12 -3.62 32.39
N GLY B 198 19.53 -4.08 31.20
CA GLY B 198 20.95 -4.25 30.94
C GLY B 198 21.70 -2.94 30.99
N GLY B 199 21.10 -1.86 30.47
CA GLY B 199 21.75 -0.57 30.57
C GLY B 199 21.83 -0.06 32.00
N ALA B 200 20.75 -0.23 32.76
CA ALA B 200 20.73 0.27 34.13
C ALA B 200 21.74 -0.47 35.01
N LEU B 201 21.85 -1.79 34.85
CA LEU B 201 22.70 -2.59 35.73
C LEU B 201 24.10 -2.80 35.15
N THR B 202 24.59 -1.85 34.35
CA THR B 202 25.94 -1.96 33.79
C THR B 202 27.00 -1.48 34.76
N GLU B 203 26.62 -0.90 35.89
CA GLU B 203 27.58 -0.35 36.84
C GLU B 203 27.87 -1.26 38.01
N VAL B 204 26.94 -2.12 38.40
CA VAL B 204 27.10 -2.93 39.61
C VAL B 204 27.78 -4.25 39.28
N SER B 205 27.10 -5.10 38.50
CA SER B 205 27.59 -6.44 38.19
C SER B 205 26.69 -7.12 37.18
N TRP B 206 27.24 -8.07 36.42
CA TRP B 206 26.41 -8.83 35.50
C TRP B 206 25.58 -9.89 36.20
N ARG B 207 26.04 -10.37 37.36
CA ARG B 207 25.30 -11.39 38.09
C ARG B 207 23.95 -10.88 38.59
N TRP B 208 23.81 -9.57 38.78
CA TRP B 208 22.54 -9.00 39.20
C TRP B 208 21.54 -8.89 38.07
N ALA B 209 21.99 -9.02 36.82
CA ALA B 209 21.07 -8.95 35.69
C ALA B 209 20.39 -10.28 35.41
N PHE B 210 21.04 -11.39 35.75
CA PHE B 210 20.44 -12.70 35.57
C PHE B 210 19.36 -13.01 36.59
N LEU B 211 19.39 -12.34 37.74
CA LEU B 211 18.41 -12.60 38.79
C LEU B 211 17.05 -11.98 38.50
N VAL B 212 16.97 -11.04 37.56
CA VAL B 212 15.69 -10.38 37.28
C VAL B 212 14.68 -11.37 36.72
N ASN B 213 15.14 -12.46 36.11
CA ASN B 213 14.21 -13.48 35.62
C ASN B 213 13.58 -14.26 36.76
N VAL B 214 14.20 -14.28 37.95
CA VAL B 214 13.68 -15.09 39.04
C VAL B 214 12.31 -14.62 39.52
N PRO B 215 12.08 -13.31 39.82
CA PRO B 215 10.73 -12.90 40.23
C PRO B 215 9.69 -13.11 39.15
N ILE B 216 9.94 -12.52 37.97
CA ILE B 216 8.92 -12.49 36.92
C ILE B 216 8.44 -13.89 36.60
N GLY B 217 9.38 -14.81 36.37
CA GLY B 217 8.99 -16.18 36.06
C GLY B 217 8.10 -16.77 37.13
N LEU B 218 8.47 -16.58 38.40
CA LEU B 218 7.65 -17.07 39.49
C LEU B 218 6.22 -16.57 39.35
N VAL B 219 6.06 -15.27 39.07
CA VAL B 219 4.73 -14.70 38.92
C VAL B 219 3.96 -15.47 37.86
N MET B 220 4.60 -15.70 36.70
CA MET B 220 3.93 -16.41 35.62
C MET B 220 3.44 -17.77 36.10
N ILE B 221 4.28 -18.50 36.85
CA ILE B 221 3.88 -19.82 37.33
C ILE B 221 2.60 -19.71 38.11
N TYR B 222 2.53 -18.74 39.03
CA TYR B 222 1.31 -18.57 39.83
C TYR B 222 0.11 -18.38 38.92
N LEU B 223 0.23 -17.47 37.95
CA LEU B 223 -0.89 -17.24 37.04
C LEU B 223 -1.22 -18.51 36.26
N ALA B 224 -0.19 -19.24 35.82
CA ALA B 224 -0.42 -20.46 35.06
C ALA B 224 -1.16 -21.49 35.90
N ARG B 225 -1.01 -21.43 37.22
CA ARG B 225 -1.71 -22.39 38.08
C ARG B 225 -3.11 -21.92 38.46
N THR B 226 -3.48 -20.69 38.12
CA THR B 226 -4.74 -20.11 38.57
C THR B 226 -5.72 -19.91 37.42
N ALA B 227 -5.31 -19.20 36.37
CA ALA B 227 -6.23 -18.85 35.30
C ALA B 227 -6.54 -20.05 34.42
N LEU B 228 -5.54 -20.84 34.07
CA LEU B 228 -5.73 -21.93 33.12
C LEU B 228 -6.46 -23.11 33.77
N ARG B 229 -7.12 -23.90 32.93
CA ARG B 229 -7.81 -25.12 33.34
C ARG B 229 -7.31 -26.29 32.51
N GLU B 230 -7.47 -27.48 33.06
CA GLU B 230 -7.03 -28.72 32.42
C GLU B 230 -8.25 -29.47 31.91
N THR B 231 -8.27 -29.78 30.61
CA THR B 231 -9.39 -30.46 29.99
C THR B 231 -9.37 -31.97 30.22
N ASN B 232 -8.25 -32.52 30.69
CA ASN B 232 -8.12 -33.95 30.96
C ASN B 232 -8.43 -34.79 29.72
N LYS B 233 -7.92 -34.35 28.57
CA LYS B 233 -8.10 -35.10 27.34
C LYS B 233 -7.27 -36.38 27.38
N GLU B 234 -7.68 -37.35 26.56
CA GLU B 234 -6.96 -38.62 26.51
C GLU B 234 -5.55 -38.42 26.00
N ARG B 235 -4.60 -39.09 26.66
CA ARG B 235 -3.19 -38.90 26.38
C ARG B 235 -2.74 -39.77 25.21
N MET B 236 -1.95 -39.19 24.32
CA MET B 236 -1.45 -39.90 23.16
C MET B 236 -0.17 -40.66 23.50
N LYS B 237 0.39 -41.34 22.51
CA LYS B 237 1.63 -42.10 22.66
C LYS B 237 2.75 -41.37 21.92
N LEU B 238 3.87 -41.15 22.60
CA LEU B 238 4.97 -40.40 22.02
C LEU B 238 5.63 -41.19 20.90
N ASP B 239 6.13 -40.47 19.90
CA ASP B 239 6.89 -41.03 18.80
C ASP B 239 8.37 -40.89 19.15
N ALA B 240 8.95 -41.96 19.69
CA ALA B 240 10.30 -41.88 20.22
C ALA B 240 11.34 -41.73 19.11
N THR B 241 11.26 -42.57 18.08
CA THR B 241 12.26 -42.56 17.02
C THR B 241 12.25 -41.24 16.27
N GLY B 242 11.06 -40.74 15.92
CA GLY B 242 10.97 -39.48 15.22
C GLY B 242 11.50 -38.32 16.04
N ALA B 243 11.17 -38.29 17.33
CA ALA B 243 11.66 -37.23 18.20
C ALA B 243 13.18 -37.28 18.33
N ILE B 244 13.75 -38.47 18.49
CA ILE B 244 15.20 -38.61 18.62
C ILE B 244 15.88 -38.14 17.33
N LEU B 245 15.37 -38.56 16.18
CA LEU B 245 15.98 -38.17 14.91
C LEU B 245 15.87 -36.67 14.69
N ALA B 246 14.72 -36.08 15.01
CA ALA B 246 14.54 -34.64 14.83
C ALA B 246 15.49 -33.85 15.72
N THR B 247 15.60 -34.25 17.00
CA THR B 247 16.51 -33.54 17.89
C THR B 247 17.95 -33.68 17.44
N LEU B 248 18.35 -34.87 17.01
CA LEU B 248 19.72 -35.06 16.52
C LEU B 248 19.99 -34.17 15.32
N ALA B 249 19.07 -34.15 14.35
CA ALA B 249 19.28 -33.35 13.15
C ALA B 249 19.35 -31.86 13.48
N CYS B 250 18.43 -31.39 14.32
CA CYS B 250 18.41 -29.96 14.66
C CYS B 250 19.66 -29.56 15.43
N THR B 251 20.08 -30.36 16.41
CA THR B 251 21.29 -30.05 17.16
C THR B 251 22.51 -30.05 16.26
N ALA B 252 22.62 -31.03 15.36
CA ALA B 252 23.76 -31.08 14.46
C ALA B 252 23.80 -29.87 13.55
N ALA B 253 22.63 -29.48 13.00
CA ALA B 253 22.60 -28.31 12.12
C ALA B 253 22.98 -27.04 12.86
N VAL B 254 22.45 -26.86 14.08
CA VAL B 254 22.76 -25.65 14.83
C VAL B 254 24.24 -25.60 15.18
N PHE B 255 24.81 -26.73 15.63
CA PHE B 255 26.22 -26.76 15.97
C PHE B 255 27.09 -26.48 14.75
N ALA B 256 26.76 -27.06 13.61
CA ALA B 256 27.54 -26.82 12.39
C ALA B 256 27.48 -25.35 11.99
N PHE B 257 26.28 -24.76 12.01
CA PHE B 257 26.15 -23.36 11.63
C PHE B 257 26.90 -22.45 12.57
N SER B 258 26.91 -22.78 13.87
CA SER B 258 27.60 -21.94 14.84
C SER B 258 29.12 -22.10 14.73
N ILE B 259 29.60 -23.31 14.45
CA ILE B 259 31.05 -23.56 14.44
C ILE B 259 31.68 -23.21 13.09
N GLY B 260 30.88 -23.03 12.04
CA GLY B 260 31.40 -22.72 10.74
C GLY B 260 32.32 -21.51 10.71
N PRO B 261 31.77 -20.31 10.95
CA PRO B 261 32.61 -19.11 10.87
C PRO B 261 33.75 -19.09 11.88
N GLU B 262 33.56 -19.68 13.06
CA GLU B 262 34.58 -19.60 14.10
C GLU B 262 35.83 -20.37 13.71
N LYS B 263 35.70 -21.62 13.29
CA LYS B 263 36.82 -22.47 12.99
C LYS B 263 37.01 -22.70 11.49
N GLY B 264 36.30 -21.96 10.65
CA GLY B 264 36.41 -22.14 9.21
C GLY B 264 35.54 -23.26 8.69
N TRP B 265 34.98 -23.07 7.49
CA TRP B 265 34.13 -24.08 6.90
C TRP B 265 34.96 -25.27 6.42
N MET B 266 34.26 -26.37 6.14
CA MET B 266 34.82 -27.65 5.67
C MET B 266 36.18 -27.96 6.30
N SER B 267 36.29 -27.76 7.61
CA SER B 267 37.55 -27.93 8.33
C SER B 267 37.47 -29.08 9.34
N GLY B 268 36.86 -30.19 8.94
CA GLY B 268 36.83 -31.38 9.78
C GLY B 268 35.60 -31.48 10.66
N ILE B 269 35.43 -30.54 11.58
CA ILE B 269 34.25 -30.56 12.45
C ILE B 269 33.00 -30.21 11.64
N THR B 270 33.09 -29.21 10.78
CA THR B 270 31.92 -28.75 10.05
C THR B 270 31.39 -29.82 9.11
N ILE B 271 32.29 -30.50 8.39
CA ILE B 271 31.84 -31.53 7.45
C ILE B 271 31.19 -32.70 8.19
N GLY B 272 31.76 -33.10 9.32
CA GLY B 272 31.16 -34.18 10.09
C GLY B 272 29.81 -33.81 10.64
N SER B 273 29.67 -32.60 11.18
CA SER B 273 28.38 -32.15 11.69
C SER B 273 27.35 -32.06 10.58
N GLY B 274 27.74 -31.57 9.41
CA GLY B 274 26.81 -31.51 8.29
C GLY B 274 26.39 -32.89 7.82
N LEU B 275 27.34 -33.83 7.76
CA LEU B 275 26.99 -35.20 7.40
C LEU B 275 26.00 -35.79 8.39
N VAL B 276 26.24 -35.59 9.69
CA VAL B 276 25.31 -36.09 10.70
C VAL B 276 23.94 -35.46 10.53
N ALA B 277 23.90 -34.15 10.28
CA ALA B 277 22.62 -33.46 10.13
C ALA B 277 21.83 -33.99 8.94
N LEU B 278 22.49 -34.12 7.78
CA LEU B 278 21.77 -34.63 6.60
C LEU B 278 21.35 -36.08 6.77
N ALA B 279 22.20 -36.92 7.35
CA ALA B 279 21.82 -38.32 7.56
C ALA B 279 20.62 -38.42 8.50
N ALA B 280 20.63 -37.64 9.58
CA ALA B 280 19.51 -37.66 10.52
C ALA B 280 18.24 -37.15 9.87
N ALA B 281 18.34 -36.08 9.07
CA ALA B 281 17.16 -35.54 8.40
C ALA B 281 16.56 -36.54 7.42
N VAL B 282 17.41 -37.20 6.63
CA VAL B 282 16.90 -38.19 5.68
C VAL B 282 16.27 -39.36 6.39
N ALA B 283 16.92 -39.86 7.46
CA ALA B 283 16.34 -40.95 8.22
C ALA B 283 15.01 -40.55 8.84
N PHE B 284 14.91 -39.32 9.34
CA PHE B 284 13.66 -38.83 9.92
C PHE B 284 12.56 -38.76 8.87
N VAL B 285 12.89 -38.26 7.68
CA VAL B 285 11.89 -38.17 6.62
C VAL B 285 11.41 -39.56 6.21
N ILE B 286 12.34 -40.52 6.12
CA ILE B 286 11.95 -41.89 5.76
C ILE B 286 11.07 -42.51 6.85
N VAL B 287 11.45 -42.32 8.11
CA VAL B 287 10.73 -42.96 9.22
C VAL B 287 9.34 -42.36 9.38
N GLU B 288 9.21 -41.05 9.17
CA GLU B 288 7.96 -40.37 9.48
C GLU B 288 6.81 -40.78 8.57
N ARG B 289 7.08 -41.50 7.48
CA ARG B 289 6.03 -41.88 6.54
C ARG B 289 5.08 -42.94 7.09
N THR B 290 5.42 -43.61 8.20
CA THR B 290 4.62 -44.71 8.70
C THR B 290 4.50 -44.69 10.23
N ALA B 291 4.62 -43.50 10.83
CA ALA B 291 4.63 -43.38 12.28
C ALA B 291 3.29 -42.84 12.78
N GLU B 292 2.73 -43.51 13.79
CA GLU B 292 1.52 -43.02 14.44
C GLU B 292 1.85 -41.79 15.27
N ASN B 293 0.94 -40.82 15.28
CA ASN B 293 1.13 -39.53 15.93
C ASN B 293 2.44 -38.90 15.43
N PRO B 294 2.48 -38.45 14.17
CA PRO B 294 3.73 -37.94 13.62
C PRO B 294 4.21 -36.70 14.37
N VAL B 295 5.53 -36.60 14.53
CA VAL B 295 6.11 -35.38 15.07
C VAL B 295 5.91 -34.22 14.10
N VAL B 296 6.12 -34.47 12.81
CA VAL B 296 5.87 -33.48 11.76
C VAL B 296 4.85 -34.07 10.79
N PRO B 297 3.59 -33.61 10.81
CA PRO B 297 2.61 -34.08 9.83
C PRO B 297 2.79 -33.39 8.49
N PHE B 298 3.31 -34.14 7.51
CA PHE B 298 3.61 -33.55 6.21
C PHE B 298 2.36 -33.31 5.37
N HIS B 299 1.32 -34.13 5.56
CA HIS B 299 0.10 -33.99 4.76
C HIS B 299 -0.59 -32.65 5.00
N LEU B 300 -0.25 -31.96 6.09
CA LEU B 300 -0.82 -30.63 6.33
C LEU B 300 -0.23 -29.57 5.41
N PHE B 301 0.94 -29.83 4.83
CA PHE B 301 1.62 -28.84 4.00
C PHE B 301 1.31 -28.99 2.52
N ARG B 302 0.29 -29.78 2.18
CA ARG B 302 -0.14 -29.86 0.79
C ARG B 302 -0.95 -28.63 0.39
N ASP B 303 -1.65 -28.01 1.32
CA ASP B 303 -2.46 -26.84 1.02
C ASP B 303 -1.57 -25.66 0.63
N ARG B 304 -1.98 -24.93 -0.41
CA ARG B 304 -1.18 -23.82 -0.91
C ARG B 304 -1.13 -22.67 0.11
N ASN B 305 -2.26 -22.41 0.78
CA ASN B 305 -2.32 -21.31 1.72
C ASN B 305 -1.33 -21.50 2.87
N ARG B 306 -1.26 -22.72 3.41
CA ARG B 306 -0.34 -22.98 4.51
C ARG B 306 1.11 -22.82 4.09
N LEU B 307 1.45 -23.31 2.90
CA LEU B 307 2.83 -23.18 2.41
C LEU B 307 3.21 -21.71 2.25
N VAL B 308 2.34 -20.93 1.60
CA VAL B 308 2.65 -19.51 1.41
C VAL B 308 2.74 -18.80 2.74
N THR B 309 1.82 -19.11 3.67
CA THR B 309 1.83 -18.46 4.97
C THR B 309 3.11 -18.77 5.74
N PHE B 310 3.57 -20.02 5.71
CA PHE B 310 4.76 -20.38 6.46
C PHE B 310 6.01 -19.78 5.83
N SER B 311 6.07 -19.72 4.51
CA SER B 311 7.19 -19.04 3.85
C SER B 311 7.23 -17.56 4.23
N ALA B 312 6.05 -16.91 4.23
CA ALA B 312 5.98 -15.52 4.62
C ALA B 312 6.39 -15.33 6.07
N ILE B 313 6.00 -16.25 6.95
CA ILE B 313 6.39 -16.17 8.35
C ILE B 313 7.90 -16.23 8.49
N LEU B 314 8.53 -17.18 7.78
CA LEU B 314 9.98 -17.31 7.82
C LEU B 314 10.66 -16.01 7.38
N LEU B 315 10.28 -15.49 6.22
CA LEU B 315 10.99 -14.34 5.68
C LEU B 315 10.71 -13.07 6.49
N ALA B 316 9.48 -12.93 7.00
CA ALA B 316 9.14 -11.77 7.83
C ALA B 316 9.88 -11.80 9.15
N GLY B 317 10.02 -12.98 9.77
CA GLY B 317 10.83 -13.08 10.97
C GLY B 317 12.27 -12.70 10.71
N GLY B 318 12.81 -13.13 9.56
CA GLY B 318 14.16 -12.70 9.20
C GLY B 318 14.28 -11.20 9.08
N VAL B 319 13.31 -10.56 8.41
CA VAL B 319 13.34 -9.12 8.22
C VAL B 319 13.28 -8.40 9.57
N MET B 320 12.40 -8.85 10.47
CA MET B 320 12.27 -8.19 11.77
C MET B 320 13.55 -8.34 12.59
N PHE B 321 14.15 -9.53 12.58
CA PHE B 321 15.40 -9.72 13.32
C PHE B 321 16.51 -8.82 12.77
N SER B 322 16.61 -8.73 11.44
CA SER B 322 17.61 -7.86 10.84
C SER B 322 17.41 -6.41 11.24
N LEU B 323 16.16 -5.93 11.19
CA LEU B 323 15.87 -4.57 11.61
C LEU B 323 16.31 -4.34 13.05
N THR B 324 15.89 -5.23 13.96
CA THR B 324 16.22 -5.04 15.37
C THR B 324 17.73 -4.95 15.58
N VAL B 325 18.47 -5.94 15.09
CA VAL B 325 19.90 -5.99 15.36
C VAL B 325 20.62 -4.81 14.73
N CYS B 326 20.33 -4.53 13.44
CA CYS B 326 21.03 -3.46 12.75
C CYS B 326 20.73 -2.10 13.35
N ILE B 327 19.47 -1.83 13.70
CA ILE B 327 19.13 -0.53 14.26
C ILE B 327 19.74 -0.36 15.64
N GLY B 328 19.75 -1.41 16.46
CA GLY B 328 20.41 -1.32 17.75
C GLY B 328 21.89 -1.02 17.61
N LEU B 329 22.56 -1.74 16.71
CA LEU B 329 23.99 -1.52 16.51
C LEU B 329 24.26 -0.10 15.99
N TYR B 330 23.44 0.38 15.06
CA TYR B 330 23.63 1.72 14.53
C TYR B 330 23.45 2.77 15.61
N VAL B 331 22.40 2.64 16.43
CA VAL B 331 22.14 3.63 17.47
C VAL B 331 23.25 3.64 18.50
N GLN B 332 23.69 2.46 18.95
CA GLN B 332 24.70 2.42 20.00
C GLN B 332 26.10 2.73 19.51
N ASP B 333 26.41 2.47 18.23
CA ASP B 333 27.75 2.65 17.70
C ASP B 333 27.96 4.00 17.03
N ILE B 334 27.11 4.36 16.07
CA ILE B 334 27.29 5.58 15.31
C ILE B 334 26.82 6.79 16.12
N LEU B 335 25.57 6.77 16.57
CA LEU B 335 25.02 7.91 17.29
C LEU B 335 25.65 8.09 18.67
N GLY B 336 26.24 7.04 19.23
CA GLY B 336 26.91 7.15 20.51
C GLY B 336 26.02 6.97 21.72
N TYR B 337 24.76 6.60 21.54
CA TYR B 337 23.87 6.38 22.67
C TYR B 337 24.35 5.19 23.50
N SER B 338 24.17 5.29 24.81
CA SER B 338 24.46 4.16 25.68
C SER B 338 23.29 3.18 25.67
N ALA B 339 23.44 2.06 26.37
CA ALA B 339 22.37 1.06 26.39
C ALA B 339 21.12 1.60 27.05
N LEU B 340 21.27 2.31 28.17
CA LEU B 340 20.11 2.84 28.87
C LEU B 340 19.38 3.88 28.04
N ARG B 341 20.13 4.75 27.34
CA ARG B 341 19.49 5.77 26.50
C ARG B 341 18.71 5.14 25.37
N ALA B 342 19.27 4.12 24.71
CA ALA B 342 18.56 3.44 23.64
C ALA B 342 17.32 2.72 24.17
N GLY B 343 17.46 2.06 25.32
CA GLY B 343 16.30 1.39 25.91
C GLY B 343 15.19 2.35 26.25
N VAL B 344 15.53 3.53 26.74
CA VAL B 344 14.52 4.54 27.04
C VAL B 344 13.91 5.09 25.76
N GLY B 345 14.74 5.29 24.73
CA GLY B 345 14.23 5.86 23.48
C GLY B 345 13.42 4.91 22.63
N PHE B 346 13.50 3.61 22.90
CA PHE B 346 12.73 2.65 22.13
C PHE B 346 11.31 2.41 22.67
N ILE B 347 10.92 3.07 23.76
CA ILE B 347 9.56 2.92 24.27
C ILE B 347 8.50 3.38 23.28
N PRO B 348 8.67 4.49 22.55
CA PRO B 348 7.67 4.83 21.52
C PRO B 348 7.41 3.73 20.52
N PHE B 349 8.41 2.89 20.23
CA PHE B 349 8.17 1.73 19.38
C PHE B 349 7.15 0.79 20.02
N VAL B 350 7.28 0.55 21.33
CA VAL B 350 6.33 -0.32 22.02
C VAL B 350 4.94 0.28 21.97
N ILE B 351 4.82 1.59 22.23
CA ILE B 351 3.49 2.21 22.23
C ILE B 351 2.86 2.15 20.84
N ALA B 352 3.65 2.44 19.80
CA ALA B 352 3.13 2.39 18.44
C ALA B 352 2.72 0.99 18.05
N MET B 353 3.52 -0.02 18.43
CA MET B 353 3.16 -1.40 18.14
C MET B 353 1.89 -1.81 18.86
N GLY B 354 1.72 -1.37 20.10
CA GLY B 354 0.49 -1.65 20.81
C GLY B 354 -0.72 -1.05 20.12
N ILE B 355 -0.59 0.19 19.65
CA ILE B 355 -1.69 0.82 18.91
C ILE B 355 -2.00 0.03 17.64
N GLY B 356 -0.96 -0.38 16.91
CA GLY B 356 -1.18 -1.14 15.69
C GLY B 356 -1.85 -2.48 15.93
N LEU B 357 -1.40 -3.19 16.97
CA LEU B 357 -2.02 -4.47 17.30
C LEU B 357 -3.47 -4.30 17.71
N GLY B 358 -3.76 -3.25 18.49
CA GLY B 358 -5.14 -2.99 18.89
C GLY B 358 -6.04 -2.71 17.70
N VAL B 359 -5.53 -1.94 16.73
CA VAL B 359 -6.32 -1.66 15.52
C VAL B 359 -6.52 -2.93 14.70
N SER B 360 -5.47 -3.72 14.51
CA SER B 360 -5.56 -4.88 13.63
C SER B 360 -6.45 -5.97 14.24
N SER B 361 -6.42 -6.14 15.56
CA SER B 361 -7.24 -7.16 16.19
C SER B 361 -8.73 -6.90 16.00
N GLN B 362 -9.11 -5.65 15.76
CA GLN B 362 -10.49 -5.32 15.43
C GLN B 362 -10.74 -5.34 13.93
N LEU B 363 -9.74 -4.99 13.13
CA LEU B 363 -9.93 -4.97 11.68
C LEU B 363 -9.96 -6.37 11.06
N VAL B 364 -9.37 -7.37 11.72
CA VAL B 364 -9.31 -8.71 11.15
C VAL B 364 -10.68 -9.37 10.99
N SER B 365 -11.73 -8.79 11.58
CA SER B 365 -13.06 -9.37 11.47
C SER B 365 -13.75 -9.02 10.16
N ARG B 366 -13.19 -8.13 9.36
CA ARG B 366 -13.86 -7.68 8.15
C ARG B 366 -12.97 -7.80 6.92
N PHE B 367 -11.66 -7.64 7.09
CA PHE B 367 -10.72 -7.59 5.99
C PHE B 367 -9.88 -8.85 5.94
N SER B 368 -9.54 -9.29 4.73
CA SER B 368 -8.71 -10.47 4.56
C SER B 368 -7.31 -10.22 5.11
N PRO B 369 -6.64 -11.26 5.59
CA PRO B 369 -5.28 -11.07 6.12
C PRO B 369 -4.30 -10.47 5.13
N ARG B 370 -4.43 -10.76 3.84
CA ARG B 370 -3.52 -10.20 2.85
C ARG B 370 -3.66 -8.68 2.77
N VAL B 371 -4.88 -8.18 2.85
CA VAL B 371 -5.12 -6.73 2.78
C VAL B 371 -4.46 -6.03 3.96
N LEU B 372 -4.63 -6.57 5.16
CA LEU B 372 -4.03 -5.96 6.34
C LEU B 372 -2.52 -6.07 6.32
N THR B 373 -1.99 -7.18 5.79
CA THR B 373 -0.54 -7.32 5.63
C THR B 373 0.01 -6.24 4.71
N ILE B 374 -0.65 -6.02 3.58
CA ILE B 374 -0.21 -4.97 2.65
C ILE B 374 -0.33 -3.60 3.31
N GLY B 375 -1.40 -3.38 4.08
CA GLY B 375 -1.57 -2.10 4.74
C GLY B 375 -0.47 -1.79 5.75
N GLY B 376 -0.08 -2.79 6.54
CA GLY B 376 1.04 -2.59 7.44
C GLY B 376 2.37 -2.43 6.72
N GLY B 377 2.57 -3.21 5.66
CA GLY B 377 3.80 -3.11 4.90
C GLY B 377 3.98 -1.76 4.23
N TYR B 378 2.88 -1.12 3.85
CA TYR B 378 2.97 0.23 3.28
C TYR B 378 3.68 1.19 4.24
N LEU B 379 3.19 1.25 5.49
CA LEU B 379 3.80 2.12 6.48
C LEU B 379 5.22 1.71 6.79
N LEU B 380 5.47 0.41 6.92
CA LEU B 380 6.83 -0.05 7.21
C LEU B 380 7.80 0.36 6.12
N PHE B 381 7.42 0.18 4.85
CA PHE B 381 8.29 0.54 3.74
C PHE B 381 8.54 2.04 3.70
N GLY B 382 7.50 2.84 3.92
CA GLY B 382 7.70 4.28 3.95
C GLY B 382 8.66 4.72 5.04
N ALA B 383 8.50 4.14 6.24
CA ALA B 383 9.39 4.48 7.35
C ALA B 383 10.83 4.07 7.05
N MET B 384 11.03 2.89 6.48
CA MET B 384 12.38 2.46 6.15
C MET B 384 13.02 3.35 5.09
N LEU B 385 12.27 3.76 4.08
CA LEU B 385 12.83 4.67 3.07
C LEU B 385 13.22 6.00 3.69
N TYR B 386 12.35 6.57 4.52
CA TYR B 386 12.68 7.85 5.14
C TYR B 386 13.90 7.72 6.03
N GLY B 387 14.00 6.63 6.80
CA GLY B 387 15.18 6.44 7.63
C GLY B 387 16.45 6.26 6.81
N SER B 388 16.34 5.57 5.67
CA SER B 388 17.51 5.35 4.83
C SER B 388 18.00 6.66 4.22
N PHE B 389 17.09 7.52 3.78
CA PHE B 389 17.51 8.70 3.01
C PHE B 389 17.74 9.95 3.85
N PHE B 390 17.45 9.93 5.15
CA PHE B 390 17.56 11.13 5.96
C PHE B 390 18.18 10.83 7.33
N MET B 391 19.23 10.01 7.36
CA MET B 391 19.87 9.64 8.61
C MET B 391 21.38 9.79 8.48
N HIS B 392 22.00 10.39 9.49
CA HIS B 392 23.45 10.47 9.59
C HIS B 392 23.83 10.89 11.00
N ARG B 393 25.13 10.96 11.25
CA ARG B 393 25.63 11.32 12.57
C ARG B 393 25.33 12.78 12.87
N GLY B 394 25.01 13.05 14.14
CA GLY B 394 24.69 14.39 14.58
C GLY B 394 23.26 14.82 14.39
N VAL B 395 22.42 13.97 13.80
CA VAL B 395 21.00 14.29 13.58
C VAL B 395 20.29 14.34 14.92
N PRO B 396 19.39 15.30 15.14
CA PRO B 396 18.66 15.35 16.41
C PRO B 396 17.71 14.17 16.56
N TYR B 397 17.33 13.91 17.82
CA TYR B 397 16.55 12.72 18.13
C TYR B 397 15.12 12.85 17.61
N PHE B 398 14.39 13.87 18.08
CA PHE B 398 12.94 13.91 17.87
C PHE B 398 12.54 13.97 16.40
N PRO B 399 12.92 15.00 15.64
CA PRO B 399 12.33 15.13 14.30
C PRO B 399 12.63 13.97 13.36
N ASN B 400 13.79 13.35 13.48
CA ASN B 400 14.26 12.39 12.48
C ASN B 400 14.48 10.98 13.00
N LEU B 401 14.19 10.70 14.27
CA LEU B 401 14.35 9.35 14.79
C LEU B 401 13.05 8.76 15.32
N VAL B 402 12.30 9.50 16.14
CA VAL B 402 11.11 8.93 16.76
C VAL B 402 9.99 8.73 15.74
N MET B 403 9.92 9.57 14.70
CA MET B 403 8.83 9.44 13.73
C MET B 403 8.94 8.15 12.92
N PRO B 404 10.07 7.82 12.28
CA PRO B 404 10.14 6.54 11.56
C PRO B 404 9.91 5.34 12.47
N ILE B 405 10.40 5.42 13.71
CA ILE B 405 10.21 4.32 14.66
C ILE B 405 8.72 4.11 14.93
N VAL B 406 7.99 5.20 15.17
CA VAL B 406 6.57 5.09 15.47
C VAL B 406 5.80 4.56 14.26
N VAL B 407 6.09 5.09 13.07
CA VAL B 407 5.37 4.65 11.88
C VAL B 407 5.64 3.18 11.58
N GLY B 408 6.91 2.76 11.67
CA GLY B 408 7.23 1.36 11.46
C GLY B 408 6.63 0.46 12.51
N GLY B 409 6.55 0.93 13.76
CA GLY B 409 5.90 0.15 14.79
C GLY B 409 4.43 -0.05 14.52
N ILE B 410 3.74 1.01 14.08
CA ILE B 410 2.33 0.87 13.72
C ILE B 410 2.16 -0.13 12.57
N GLY B 411 3.02 -0.04 11.56
CA GLY B 411 2.93 -0.97 10.45
C GLY B 411 3.17 -2.42 10.86
N ILE B 412 4.20 -2.65 11.67
CA ILE B 412 4.51 -4.00 12.13
C ILE B 412 3.36 -4.55 12.98
N GLY B 413 2.81 -3.72 13.88
CA GLY B 413 1.69 -4.17 14.68
C GLY B 413 0.48 -4.51 13.84
N MET B 414 0.21 -3.72 12.79
CA MET B 414 -0.93 -4.01 11.93
C MET B 414 -0.71 -5.28 11.12
N ALA B 415 0.54 -5.59 10.77
CA ALA B 415 0.80 -6.75 9.94
C ALA B 415 0.97 -8.06 10.73
N VAL B 416 1.34 -7.99 12.01
CA VAL B 416 1.65 -9.23 12.74
C VAL B 416 0.42 -10.06 13.00
N VAL B 417 -0.69 -9.43 13.42
CA VAL B 417 -1.86 -10.20 13.87
C VAL B 417 -2.44 -11.10 12.78
N PRO B 418 -2.68 -10.62 11.54
CA PRO B 418 -3.22 -11.53 10.53
C PRO B 418 -2.33 -12.73 10.24
N LEU B 419 -1.01 -12.56 10.25
CA LEU B 419 -0.11 -13.69 10.03
C LEU B 419 -0.23 -14.72 11.15
N THR B 420 -0.27 -14.27 12.40
CA THR B 420 -0.42 -15.19 13.52
C THR B 420 -1.76 -15.92 13.46
N LEU B 421 -2.82 -15.21 13.09
CA LEU B 421 -4.12 -15.86 12.95
C LEU B 421 -4.13 -16.87 11.82
N SER B 422 -3.43 -16.58 10.71
CA SER B 422 -3.38 -17.52 9.60
C SER B 422 -2.51 -18.72 9.91
N ALA B 423 -1.52 -18.58 10.81
CA ALA B 423 -0.62 -19.68 11.10
C ALA B 423 -1.28 -20.83 11.84
N ILE B 424 -2.38 -20.59 12.56
CA ILE B 424 -2.97 -21.61 13.40
C ILE B 424 -4.42 -21.89 12.99
N ALA B 425 -4.71 -21.72 11.71
CA ALA B 425 -6.07 -21.85 11.19
C ALA B 425 -6.29 -23.25 10.62
N GLY B 426 -7.39 -23.88 11.04
CA GLY B 426 -7.80 -25.15 10.48
C GLY B 426 -6.86 -26.31 10.69
N VAL B 427 -6.38 -26.48 11.93
CA VAL B 427 -5.45 -27.55 12.23
C VAL B 427 -6.10 -28.68 13.04
N GLY B 428 -7.04 -28.36 13.92
CA GLY B 428 -7.60 -29.34 14.83
C GLY B 428 -6.78 -29.47 16.10
N PHE B 429 -7.32 -30.26 17.04
CA PHE B 429 -6.66 -30.43 18.32
C PHE B 429 -5.60 -31.54 18.32
N ASP B 430 -5.44 -32.24 17.20
CA ASP B 430 -4.45 -33.30 17.11
C ASP B 430 -3.15 -32.85 16.47
N GLN B 431 -3.17 -31.76 15.70
CA GLN B 431 -1.96 -31.28 15.01
C GLN B 431 -1.64 -29.84 15.38
N ILE B 432 -2.29 -29.27 16.39
CA ILE B 432 -2.02 -27.88 16.75
C ILE B 432 -0.62 -27.75 17.34
N GLY B 433 -0.18 -28.73 18.12
CA GLY B 433 1.11 -28.69 18.74
C GLY B 433 2.26 -28.65 17.75
N PRO B 434 2.32 -29.65 16.86
CA PRO B 434 3.37 -29.62 15.82
C PRO B 434 3.30 -28.41 14.92
N VAL B 435 2.11 -27.93 14.59
CA VAL B 435 1.99 -26.75 13.73
C VAL B 435 2.56 -25.53 14.44
N SER B 436 2.24 -25.35 15.72
CA SER B 436 2.79 -24.23 16.47
C SER B 436 4.31 -24.33 16.59
N ALA B 437 4.81 -25.55 16.84
CA ALA B 437 6.25 -25.74 16.95
C ALA B 437 6.95 -25.40 15.64
N ILE B 438 6.39 -25.85 14.52
CA ILE B 438 7.00 -25.57 13.22
C ILE B 438 6.97 -24.08 12.91
N ALA B 439 5.86 -23.42 13.20
CA ALA B 439 5.77 -21.97 12.95
C ALA B 439 6.81 -21.21 13.77
N LEU B 440 6.92 -21.54 15.06
CA LEU B 440 7.89 -20.86 15.91
C LEU B 440 9.32 -21.15 15.46
N MET B 441 9.59 -22.40 15.05
CA MET B 441 10.91 -22.75 14.57
C MET B 441 11.27 -21.99 13.31
N LEU B 442 10.33 -21.86 12.38
CA LEU B 442 10.60 -21.10 11.16
C LEU B 442 10.84 -19.62 11.47
N GLN B 443 10.03 -19.05 12.38
CA GLN B 443 10.22 -17.66 12.74
C GLN B 443 11.58 -17.43 13.37
N SER B 444 12.02 -18.35 14.24
CA SER B 444 13.32 -18.17 14.89
C SER B 444 14.48 -18.46 13.95
N LEU B 445 14.29 -19.35 12.98
CA LEU B 445 15.35 -19.70 12.04
C LEU B 445 15.55 -18.64 10.98
N GLY B 446 14.49 -17.95 10.56
CA GLY B 446 14.60 -16.98 9.49
C GLY B 446 15.52 -15.81 9.78
N GLY B 447 15.71 -15.48 11.06
CA GLY B 447 16.46 -14.30 11.44
C GLY B 447 17.92 -14.29 11.02
N PRO B 448 18.70 -15.24 11.56
CA PRO B 448 20.14 -15.25 11.26
C PRO B 448 20.47 -15.35 9.78
N LEU B 449 19.66 -16.05 8.99
CA LEU B 449 19.95 -16.20 7.56
C LEU B 449 19.93 -14.85 6.85
N VAL B 450 18.92 -14.02 7.13
CA VAL B 450 18.85 -12.71 6.53
C VAL B 450 19.89 -11.77 7.15
N LEU B 451 20.11 -11.90 8.45
CA LEU B 451 21.06 -11.02 9.12
C LEU B 451 22.48 -11.21 8.59
N ALA B 452 22.86 -12.45 8.27
CA ALA B 452 24.18 -12.71 7.73
C ALA B 452 24.38 -11.99 6.39
N VAL B 453 23.37 -12.07 5.52
CA VAL B 453 23.45 -11.38 4.23
C VAL B 453 23.54 -9.87 4.42
N ILE B 454 22.72 -9.33 5.32
CA ILE B 454 22.73 -7.89 5.55
C ILE B 454 24.08 -7.43 6.07
N GLN B 455 24.66 -8.18 7.02
CA GLN B 455 25.95 -7.82 7.58
C GLN B 455 27.06 -7.95 6.53
N ALA B 456 26.98 -8.96 5.67
CA ALA B 456 27.97 -9.09 4.61
C ALA B 456 27.90 -7.89 3.66
N VAL B 457 26.69 -7.46 3.30
CA VAL B 457 26.54 -6.30 2.44
C VAL B 457 27.11 -5.05 3.12
N ILE B 458 26.82 -4.88 4.41
CA ILE B 458 27.30 -3.71 5.14
C ILE B 458 28.83 -3.70 5.20
N THR B 459 29.43 -4.85 5.47
CA THR B 459 30.89 -4.93 5.51
C THR B 459 31.52 -4.63 4.16
N SER B 460 30.92 -5.17 3.08
CA SER B 460 31.44 -4.91 1.75
C SER B 460 31.35 -3.42 1.41
N ARG B 461 30.23 -2.78 1.76
CA ARG B 461 30.09 -1.35 1.51
C ARG B 461 31.05 -0.52 2.35
N THR B 462 31.30 -0.95 3.59
CA THR B 462 32.28 -0.25 4.43
C THR B 462 33.67 -0.33 3.82
N LEU B 463 34.05 -1.51 3.33
CA LEU B 463 35.38 -1.64 2.72
C LEU B 463 35.46 -0.90 1.40
N TYR B 464 34.37 -0.82 0.65
CA TYR B 464 34.38 -0.09 -0.62
C TYR B 464 34.61 1.40 -0.39
N LEU B 465 33.95 1.99 0.60
CA LEU B 465 34.04 3.42 0.83
C LEU B 465 35.31 3.84 1.54
N GLY B 466 36.14 2.90 1.97
CA GLY B 466 37.39 3.23 2.63
C GLY B 466 37.29 3.18 4.14
N GLY B 467 36.72 2.11 4.67
CA GLY B 467 36.58 1.94 6.10
C GLY B 467 37.63 1.01 6.69
N THR B 468 37.34 0.50 7.87
CA THR B 468 38.23 -0.42 8.57
C THR B 468 37.41 -1.51 9.22
N THR B 469 38.04 -2.67 9.44
CA THR B 469 37.39 -3.81 10.06
C THR B 469 37.69 -3.90 11.55
N GLY B 470 38.31 -2.89 12.14
CA GLY B 470 38.65 -2.90 13.54
C GLY B 470 37.50 -2.45 14.42
N PRO B 471 37.77 -2.29 15.71
CA PRO B 471 36.73 -1.81 16.63
C PRO B 471 36.33 -0.38 16.32
N VAL B 472 35.09 -0.05 16.68
CA VAL B 472 34.54 1.28 16.36
C VAL B 472 35.34 2.38 17.06
N LYS B 473 35.70 2.15 18.31
CA LYS B 473 36.41 3.16 19.10
C LYS B 473 37.89 3.28 18.75
N PHE B 474 38.33 2.63 17.67
CA PHE B 474 39.66 2.80 17.10
C PHE B 474 39.57 3.35 15.67
N MET B 475 38.65 4.27 15.45
CA MET B 475 38.40 4.82 14.11
C MET B 475 38.53 6.33 14.13
N ASN B 476 38.40 6.93 12.95
CA ASN B 476 38.45 8.37 12.74
C ASN B 476 37.13 8.84 12.15
N ASP B 477 37.09 10.13 11.78
CA ASP B 477 35.87 10.71 11.25
C ASP B 477 35.48 10.09 9.91
N VAL B 478 36.46 9.91 9.02
CA VAL B 478 36.15 9.41 7.68
C VAL B 478 35.71 7.95 7.72
N GLN B 479 36.37 7.13 8.54
CA GLN B 479 35.96 5.74 8.67
C GLN B 479 34.58 5.62 9.30
N LEU B 480 34.28 6.47 10.29
CA LEU B 480 32.95 6.47 10.89
C LEU B 480 31.89 6.90 9.88
N ALA B 481 32.21 7.89 9.04
CA ALA B 481 31.27 8.29 7.99
C ALA B 481 31.03 7.15 7.01
N ALA B 482 32.09 6.42 6.66
CA ALA B 482 31.93 5.26 5.79
C ALA B 482 31.03 4.21 6.42
N LEU B 483 31.20 3.96 7.72
CA LEU B 483 30.36 2.98 8.41
C LEU B 483 28.90 3.43 8.43
N ASP B 484 28.67 4.72 8.69
CA ASP B 484 27.30 5.24 8.69
C ASP B 484 26.64 5.09 7.33
N HIS B 485 27.38 5.42 6.27
CA HIS B 485 26.82 5.27 4.92
C HIS B 485 26.57 3.81 4.59
N ALA B 486 27.42 2.91 5.06
CA ALA B 486 27.19 1.49 4.84
C ALA B 486 25.91 1.03 5.53
N TYR B 487 25.67 1.50 6.75
CA TYR B 487 24.44 1.12 7.46
C TYR B 487 23.21 1.63 6.73
N THR B 488 23.23 2.91 6.32
CA THR B 488 22.10 3.46 5.58
C THR B 488 21.92 2.80 4.23
N TYR B 489 22.98 2.23 3.66
CA TYR B 489 22.87 1.45 2.43
C TYR B 489 22.22 0.10 2.67
N GLY B 490 22.59 -0.58 3.77
CA GLY B 490 21.98 -1.87 4.06
C GLY B 490 20.53 -1.79 4.44
N LEU B 491 20.10 -0.64 4.96
CA LEU B 491 18.67 -0.44 5.19
C LEU B 491 17.86 -0.62 3.92
N LEU B 492 18.42 -0.23 2.76
CA LEU B 492 17.72 -0.42 1.50
C LEU B 492 17.53 -1.90 1.16
N TRP B 493 18.54 -2.73 1.44
CA TRP B 493 18.39 -4.16 1.22
C TRP B 493 17.33 -4.74 2.14
N VAL B 494 17.27 -4.26 3.38
CA VAL B 494 16.18 -4.69 4.27
C VAL B 494 14.83 -4.33 3.67
N ALA B 495 14.71 -3.11 3.12
CA ALA B 495 13.46 -2.70 2.50
C ALA B 495 13.10 -3.59 1.31
N GLY B 496 14.10 -3.96 0.50
CA GLY B 496 13.84 -4.86 -0.62
C GLY B 496 13.36 -6.23 -0.16
N ALA B 497 13.94 -6.74 0.93
CA ALA B 497 13.46 -7.99 1.49
C ALA B 497 12.00 -7.86 1.94
N ALA B 498 11.65 -6.72 2.53
CA ALA B 498 10.25 -6.50 2.92
C ALA B 498 9.33 -6.47 1.71
N ILE B 499 9.78 -5.88 0.61
CA ILE B 499 8.99 -5.90 -0.62
C ILE B 499 8.76 -7.33 -1.09
N ILE B 500 9.81 -8.16 -1.02
CA ILE B 500 9.65 -9.57 -1.38
C ILE B 500 8.63 -10.24 -0.47
N VAL B 501 8.67 -9.91 0.83
CA VAL B 501 7.71 -10.48 1.77
C VAL B 501 6.29 -10.12 1.37
N GLY B 502 6.06 -8.86 1.01
CA GLY B 502 4.73 -8.44 0.60
C GLY B 502 4.26 -9.13 -0.67
N GLY B 503 5.15 -9.23 -1.65
CA GLY B 503 4.80 -9.94 -2.87
C GLY B 503 4.46 -11.40 -2.61
N MET B 504 5.17 -12.02 -1.67
CA MET B 504 4.86 -13.40 -1.30
C MET B 504 3.53 -13.51 -0.57
N ALA B 505 3.25 -12.58 0.33
CA ALA B 505 1.99 -12.59 1.08
C ALA B 505 0.79 -12.19 0.23
N LEU B 506 1.02 -11.66 -0.97
CA LEU B 506 -0.08 -11.36 -1.88
C LEU B 506 -0.82 -12.59 -2.38
N PHE B 507 -0.42 -13.81 -1.97
CA PHE B 507 -0.99 -15.05 -2.47
C PHE B 507 -1.62 -15.90 -1.36
N ILE B 508 -2.11 -15.27 -0.29
CA ILE B 508 -2.59 -16.04 0.85
C ILE B 508 -3.97 -16.66 0.57
N GLY B 509 -4.97 -15.81 0.35
CA GLY B 509 -6.28 -16.30 -0.02
C GLY B 509 -7.19 -16.71 1.12
N TYR B 510 -6.78 -16.51 2.37
CA TYR B 510 -7.65 -16.82 3.49
C TYR B 510 -8.75 -15.76 3.61
N THR B 511 -9.99 -16.20 3.73
CA THR B 511 -11.08 -15.27 3.96
C THR B 511 -11.21 -14.96 5.44
N PRO B 512 -11.78 -13.80 5.79
CA PRO B 512 -11.99 -13.49 7.21
C PRO B 512 -12.88 -14.48 7.93
N GLN B 513 -13.78 -15.14 7.20
CA GLN B 513 -14.67 -16.12 7.83
C GLN B 513 -13.94 -17.37 8.28
N GLN B 514 -12.72 -17.59 7.80
CA GLN B 514 -11.96 -18.79 8.13
C GLN B 514 -11.00 -18.59 9.30
N VAL B 515 -10.56 -17.37 9.56
CA VAL B 515 -9.53 -17.12 10.55
C VAL B 515 -10.04 -16.36 11.78
N ALA B 516 -10.99 -15.44 11.61
CA ALA B 516 -11.38 -14.56 12.70
C ALA B 516 -12.89 -14.47 12.88
N HIS B 517 -13.60 -15.55 12.62
CA HIS B 517 -15.05 -15.57 12.79
C HIS B 517 -15.45 -16.83 13.54
N ALA B 518 -16.31 -16.68 14.54
CA ALA B 518 -16.78 -17.80 15.32
C ALA B 518 -17.91 -18.53 14.59
N GLN B 519 -17.91 -19.85 14.65
CA GLN B 519 -18.96 -20.64 14.03
C GLN B 519 -20.11 -20.85 15.00
#